data_4KQQ
#
_entry.id   4KQQ
#
_cell.length_a   56.931
_cell.length_b   74.168
_cell.length_c   82.121
_cell.angle_alpha   71.60
_cell.angle_beta   86.05
_cell.angle_gamma   85.85
#
_symmetry.space_group_name_H-M   'P 1'
#
loop_
_entity.id
_entity.type
_entity.pdbx_description
1 polymer 'Penicillin-binding protein 3'
2 non-polymer '(2S,4S)-2-[(R)-carboxy{[(2R)-2-{[(4-ethyl-2,3-dioxopiperazin-1-yl)carbonyl]amino}-2-phenylacetyl]amino}methyl]-5,5-dimethyl-1,3-thiazolidine-4-carboxylic acid'
3 non-polymer 'CHLORIDE ION'
4 non-polymer GLYCEROL
5 non-polymer IMIDAZOLE
6 water water
#
_entity_poly.entity_id   1
_entity_poly.type   'polypeptide(L)'
_entity_poly.pdbx_seq_one_letter_code
;MAHHHHHHSSGLEVLFQGPDLHVIDHDFLKGQGDARSVRHIAIPAHRGLITDRNGEPLAVSTPVTTLWANPKELMTAKER
WPQLAAALGQDTKLFADRIEQNAEREFIYLVRGLTPEQGEGVIALKVPGVYSIEEFRRFYPAGEVVAHAVGFTDVDDRGR
EGIELAFDEWLAGVPGKRQVLKDRRGRVIKDVQVTKNAKPGKTLALSIDLRLQYLAHRELRNALLENGAKAGSLVIMDVK
TGEILAMTNQPTYNPNNRRNLQPAAMRNRAMIDVFEPGSTVKPFSMSAALASGRWKPSDIVDVYPGTLQIGRYTIRDVSR
NSRQLDLTGILIKSSNVGISKIAFDIGAESIYSVMQQVGLGQDTGLGFPGERVGNLPNHRKWPKAETATLAYGYGLSVTA
IQLAHAYAALANDGKSVPLSMTRVDRVPDGVQVISPEVASTVQGMLQQVVEAQGGVFRAQVPGYHAAGKSGTARKVSVGT
KGYRENAYRSLFAGFAPATDPRIAMVVVIDEPSKAGYFGGLVSAPVFSKVMAGALRLMNVPPDNLPTATEQQQVNAAPAK
GGRG
;
_entity_poly.pdbx_strand_id   A,B
#
loop_
_chem_comp.id
_chem_comp.type
_chem_comp.name
_chem_comp.formula
CL non-polymer 'CHLORIDE ION' 'Cl -1'
GOL non-polymer GLYCEROL 'C3 H8 O3'
IMD non-polymer IMIDAZOLE 'C3 H5 N2 1'
VPP non-polymer '(2S,4S)-2-[(R)-carboxy{[(2R)-2-{[(4-ethyl-2,3-dioxopiperazin-1-yl)carbonyl]amino}-2-phenylacetyl]amino}methyl]-5,5-dimethyl-1,3-thiazolidine-4-carboxylic acid' 'C23 H29 N5 O8 S'
#
# COMPACT_ATOMS: atom_id res chain seq x y z
N ARG A 36 -14.72 -34.73 -38.03
CA ARG A 36 -15.98 -34.17 -38.60
C ARG A 36 -16.96 -33.82 -37.47
N SER A 37 -16.93 -32.56 -37.03
CA SER A 37 -17.77 -32.12 -35.92
C SER A 37 -17.92 -30.60 -35.82
N VAL A 38 -18.76 -30.16 -34.87
CA VAL A 38 -19.12 -28.76 -34.71
C VAL A 38 -18.37 -28.16 -33.53
N ARG A 39 -17.79 -26.99 -33.74
CA ARG A 39 -17.14 -26.24 -32.67
C ARG A 39 -17.93 -25.00 -32.33
N HIS A 40 -17.96 -24.65 -31.05
CA HIS A 40 -18.56 -23.40 -30.61
C HIS A 40 -17.44 -22.40 -30.44
N ILE A 41 -17.52 -21.28 -31.15
CA ILE A 41 -16.54 -20.21 -31.00
C ILE A 41 -17.18 -18.92 -30.51
N ALA A 42 -16.40 -18.13 -29.76
CA ALA A 42 -16.89 -16.91 -29.16
C ALA A 42 -17.13 -15.81 -30.19
N ILE A 43 -18.04 -14.89 -29.87
CA ILE A 43 -18.24 -13.66 -30.61
C ILE A 43 -17.90 -12.54 -29.64
N PRO A 44 -16.78 -11.82 -29.87
CA PRO A 44 -16.38 -10.77 -28.92
C PRO A 44 -17.46 -9.71 -28.73
N ALA A 45 -17.61 -9.27 -27.49
CA ALA A 45 -18.53 -8.20 -27.13
C ALA A 45 -17.81 -6.86 -27.01
N HIS A 46 -18.47 -5.82 -27.49
CA HIS A 46 -17.99 -4.45 -27.38
C HIS A 46 -17.94 -4.04 -25.91
N ARG A 47 -16.76 -3.65 -25.42
CA ARG A 47 -16.67 -3.11 -24.06
C ARG A 47 -17.18 -1.68 -24.08
N GLY A 48 -17.91 -1.29 -23.04
CA GLY A 48 -18.46 0.05 -22.90
C GLY A 48 -17.47 1.19 -23.07
N LEU A 49 -17.94 2.23 -23.77
CA LEU A 49 -17.18 3.44 -24.00
C LEU A 49 -17.06 4.26 -22.72
N ILE A 50 -15.83 4.58 -22.34
CA ILE A 50 -15.60 5.54 -21.28
C ILE A 50 -15.30 6.91 -21.88
N THR A 51 -16.08 7.91 -21.48
CA THR A 51 -15.90 9.28 -21.93
C THR A 51 -15.64 10.23 -20.76
N ASP A 52 -15.10 11.41 -21.07
CA ASP A 52 -15.04 12.48 -20.10
C ASP A 52 -16.43 13.12 -20.03
N ARG A 53 -16.56 14.17 -19.23
CA ARG A 53 -17.84 14.81 -18.96
C ARG A 53 -18.55 15.32 -20.20
N ASN A 54 -17.79 15.65 -21.24
CA ASN A 54 -18.38 16.21 -22.46
C ASN A 54 -18.39 15.27 -23.64
N GLY A 55 -18.08 14.00 -23.39
CA GLY A 55 -18.19 12.99 -24.43
C GLY A 55 -16.88 12.62 -25.13
N GLU A 56 -15.77 13.20 -24.69
CA GLU A 56 -14.47 12.84 -25.25
C GLU A 56 -14.10 11.42 -24.84
N PRO A 57 -13.81 10.56 -25.83
CA PRO A 57 -13.45 9.15 -25.59
C PRO A 57 -12.19 9.04 -24.74
N LEU A 58 -12.28 8.25 -23.67
CA LEU A 58 -11.11 8.00 -22.82
C LEU A 58 -10.68 6.54 -22.93
N ALA A 59 -11.64 5.69 -23.27
CA ALA A 59 -11.35 4.27 -23.45
C ALA A 59 -12.35 3.74 -24.45
N VAL A 60 -11.83 3.16 -25.51
CA VAL A 60 -12.64 2.73 -26.63
C VAL A 60 -12.19 1.33 -27.09
N SER A 61 -13.17 0.49 -27.41
CA SER A 61 -12.91 -0.82 -27.98
C SER A 61 -12.89 -0.66 -29.50
N THR A 62 -11.69 -0.79 -30.07
CA THR A 62 -11.50 -0.59 -31.50
C THR A 62 -11.49 -1.93 -32.21
N PRO A 63 -12.11 -2.01 -33.40
CA PRO A 63 -12.12 -3.28 -34.13
C PRO A 63 -10.72 -3.66 -34.61
N VAL A 64 -10.31 -4.89 -34.33
CA VAL A 64 -9.04 -5.42 -34.82
C VAL A 64 -9.24 -6.78 -35.48
N THR A 65 -8.26 -7.20 -36.28
CA THR A 65 -8.34 -8.49 -36.96
C THR A 65 -7.22 -9.43 -36.50
N THR A 66 -7.62 -10.63 -36.07
CA THR A 66 -6.69 -11.68 -35.73
C THR A 66 -6.70 -12.72 -36.85
N LEU A 67 -5.51 -13.11 -37.29
CA LEU A 67 -5.38 -14.16 -38.30
C LEU A 67 -4.94 -15.46 -37.65
N TRP A 68 -5.68 -16.52 -37.92
CA TRP A 68 -5.24 -17.85 -37.55
C TRP A 68 -5.09 -18.76 -38.77
N ALA A 69 -4.36 -19.85 -38.58
CA ALA A 69 -4.18 -20.81 -39.65
C ALA A 69 -4.44 -22.23 -39.18
N ASN A 70 -4.92 -23.05 -40.10
CA ASN A 70 -5.02 -24.49 -39.93
C ASN A 70 -3.83 -25.12 -40.64
N PRO A 71 -2.79 -25.55 -39.87
CA PRO A 71 -1.56 -26.08 -40.45
C PRO A 71 -1.77 -27.24 -41.41
N LYS A 72 -2.75 -28.09 -41.13
CA LYS A 72 -3.14 -29.18 -42.02
C LYS A 72 -3.36 -28.67 -43.46
N GLU A 73 -4.08 -27.55 -43.56
CA GLU A 73 -4.37 -26.92 -44.86
C GLU A 73 -3.15 -26.20 -45.43
N LEU A 74 -2.42 -25.50 -44.58
CA LEU A 74 -1.20 -24.78 -44.99
C LEU A 74 -0.12 -25.71 -45.53
N MET A 75 -0.05 -26.92 -44.98
CA MET A 75 0.91 -27.92 -45.43
C MET A 75 0.65 -28.38 -46.89
N THR A 76 -0.55 -28.12 -47.41
CA THR A 76 -0.88 -28.47 -48.80
C THR A 76 -0.61 -27.30 -49.76
N ALA A 77 -0.24 -26.15 -49.23
CA ALA A 77 0.04 -24.99 -50.07
C ALA A 77 1.37 -24.35 -49.71
N LYS A 78 2.37 -25.18 -49.43
CA LYS A 78 3.72 -24.74 -49.04
C LYS A 78 4.32 -23.66 -49.94
N GLU A 79 3.98 -23.69 -51.23
CA GLU A 79 4.48 -22.72 -52.20
C GLU A 79 3.95 -21.31 -52.01
N ARG A 80 2.92 -21.15 -51.18
CA ARG A 80 2.33 -19.84 -50.88
C ARG A 80 2.98 -19.21 -49.66
N TRP A 81 3.80 -19.98 -48.96
CA TRP A 81 4.37 -19.60 -47.67
C TRP A 81 5.26 -18.35 -47.73
N PRO A 82 6.32 -18.36 -48.57
CA PRO A 82 7.19 -17.19 -48.55
C PRO A 82 6.43 -15.87 -48.71
N GLN A 83 5.42 -15.86 -49.58
CA GLN A 83 4.60 -14.67 -49.80
C GLN A 83 3.76 -14.35 -48.55
N LEU A 84 3.22 -15.39 -47.92
CA LEU A 84 2.47 -15.24 -46.68
C LEU A 84 3.35 -14.74 -45.55
N ALA A 85 4.55 -15.32 -45.41
CA ALA A 85 5.52 -14.89 -44.39
C ALA A 85 5.94 -13.43 -44.54
N ALA A 86 6.16 -13.00 -45.78
CA ALA A 86 6.55 -11.63 -46.09
C ALA A 86 5.42 -10.64 -45.80
N ALA A 87 4.17 -11.04 -46.07
CA ALA A 87 3.00 -10.21 -45.76
C ALA A 87 2.74 -10.10 -44.25
N LEU A 88 3.24 -11.06 -43.49
CA LEU A 88 3.15 -11.02 -42.02
C LEU A 88 4.43 -10.46 -41.40
N GLY A 89 5.33 -9.99 -42.25
CA GLY A 89 6.61 -9.43 -41.82
C GLY A 89 7.53 -10.41 -41.12
N GLN A 90 7.35 -11.71 -41.39
CA GLN A 90 8.09 -12.74 -40.69
C GLN A 90 9.12 -13.42 -41.59
N ASP A 91 10.24 -13.81 -41.00
CA ASP A 91 11.28 -14.57 -41.69
C ASP A 91 10.70 -15.84 -42.33
N THR A 92 11.08 -16.07 -43.58
CA THR A 92 10.58 -17.20 -44.39
C THR A 92 10.77 -18.53 -43.67
N LYS A 93 12.01 -18.80 -43.25
CA LYS A 93 12.36 -20.05 -42.59
C LYS A 93 11.73 -20.20 -41.21
N LEU A 94 11.82 -19.14 -40.41
CA LEU A 94 11.17 -19.13 -39.09
C LEU A 94 9.66 -19.33 -39.19
N PHE A 95 9.03 -18.75 -40.20
CA PHE A 95 7.61 -18.97 -40.46
C PHE A 95 7.34 -20.43 -40.82
N ALA A 96 8.13 -20.94 -41.78
CA ALA A 96 8.04 -22.34 -42.18
C ALA A 96 8.23 -23.28 -41.01
N ASP A 97 9.24 -23.01 -40.17
CA ASP A 97 9.50 -23.79 -38.96
C ASP A 97 8.24 -23.85 -38.08
N ARG A 98 7.62 -22.68 -37.85
CA ARG A 98 6.41 -22.60 -37.04
C ARG A 98 5.30 -23.50 -37.56
N ILE A 99 5.06 -23.46 -38.86
CA ILE A 99 4.00 -24.25 -39.46
C ILE A 99 4.31 -25.75 -39.39
N GLU A 100 5.57 -26.11 -39.66
CA GLU A 100 5.98 -27.52 -39.74
C GLU A 100 5.89 -28.22 -38.38
N GLN A 101 6.40 -27.56 -37.35
CA GLN A 101 6.33 -28.13 -36.00
C GLN A 101 4.90 -28.16 -35.45
N ASN A 102 3.96 -27.53 -36.17
CA ASN A 102 2.53 -27.59 -35.83
C ASN A 102 1.65 -28.27 -36.87
N ALA A 103 2.26 -29.04 -37.77
CA ALA A 103 1.57 -29.71 -38.87
C ALA A 103 0.43 -30.61 -38.39
N GLU A 104 0.60 -31.14 -37.17
CA GLU A 104 -0.36 -32.01 -36.52
C GLU A 104 -1.63 -31.29 -36.11
N ARG A 105 -1.50 -29.99 -35.85
CA ARG A 105 -2.58 -29.20 -35.27
C ARG A 105 -3.55 -28.66 -36.31
N GLU A 106 -4.70 -28.19 -35.84
CA GLU A 106 -5.76 -27.68 -36.71
C GLU A 106 -5.99 -26.19 -36.47
N PHE A 107 -5.35 -25.66 -35.43
CA PHE A 107 -5.44 -24.25 -35.10
C PHE A 107 -4.13 -23.73 -34.51
N ILE A 108 -3.69 -22.58 -35.02
CA ILE A 108 -2.65 -21.76 -34.40
C ILE A 108 -2.79 -20.29 -34.82
N TYR A 109 -2.40 -19.41 -33.92
CA TYR A 109 -2.42 -17.99 -34.20
C TYR A 109 -1.28 -17.64 -35.14
N LEU A 110 -1.57 -16.75 -36.08
CA LEU A 110 -0.54 -16.22 -36.96
C LEU A 110 -0.12 -14.87 -36.43
N VAL A 111 -1.08 -13.95 -36.33
CA VAL A 111 -0.83 -12.63 -35.77
C VAL A 111 -2.13 -12.08 -35.17
N ARG A 112 -2.01 -11.45 -34.02
CA ARG A 112 -3.16 -10.88 -33.34
C ARG A 112 -3.16 -9.36 -33.42
N GLY A 113 -4.35 -8.78 -33.61
CA GLY A 113 -4.50 -7.34 -33.53
C GLY A 113 -3.96 -6.55 -34.72
N LEU A 114 -4.22 -7.03 -35.92
CA LEU A 114 -4.00 -6.23 -37.11
C LEU A 114 -5.13 -5.22 -37.24
N THR A 115 -4.98 -4.25 -38.14
CA THR A 115 -6.08 -3.37 -38.49
C THR A 115 -7.03 -4.14 -39.40
N PRO A 116 -8.30 -3.72 -39.49
CA PRO A 116 -9.24 -4.37 -40.42
C PRO A 116 -8.72 -4.43 -41.85
N GLU A 117 -8.00 -3.40 -42.28
CA GLU A 117 -7.41 -3.35 -43.62
C GLU A 117 -6.23 -4.32 -43.79
N GLN A 118 -5.32 -4.33 -42.81
CA GLN A 118 -4.15 -5.22 -42.83
C GLN A 118 -4.54 -6.68 -42.89
N GLY A 119 -5.54 -7.06 -42.09
CA GLY A 119 -6.04 -8.43 -42.05
C GLY A 119 -6.71 -8.84 -43.35
N GLU A 120 -7.47 -7.92 -43.94
CA GLU A 120 -8.15 -8.17 -45.21
C GLU A 120 -7.14 -8.15 -46.37
N GLY A 121 -6.01 -7.50 -46.15
CA GLY A 121 -4.89 -7.52 -47.08
C GLY A 121 -4.29 -8.91 -47.21
N VAL A 122 -4.18 -9.60 -46.08
CA VAL A 122 -3.65 -10.97 -46.06
C VAL A 122 -4.69 -11.98 -46.52
N ILE A 123 -5.97 -11.75 -46.18
CA ILE A 123 -7.06 -12.61 -46.64
C ILE A 123 -7.22 -12.56 -48.16
N ALA A 124 -7.01 -11.37 -48.74
CA ALA A 124 -7.06 -11.16 -50.19
C ALA A 124 -6.09 -12.06 -50.96
N LEU A 125 -5.05 -12.55 -50.26
CA LEU A 125 -4.04 -13.46 -50.82
C LEU A 125 -4.61 -14.85 -51.12
N LYS A 126 -5.73 -15.18 -50.48
CA LYS A 126 -6.45 -16.45 -50.66
C LYS A 126 -5.57 -17.68 -50.40
N VAL A 127 -4.76 -17.62 -49.34
CA VAL A 127 -3.94 -18.77 -48.96
C VAL A 127 -4.82 -19.83 -48.28
N PRO A 128 -4.78 -21.08 -48.77
CA PRO A 128 -5.51 -22.16 -48.08
C PRO A 128 -5.10 -22.28 -46.60
N GLY A 129 -6.09 -22.39 -45.72
CA GLY A 129 -5.85 -22.56 -44.29
C GLY A 129 -5.71 -21.32 -43.45
N VAL A 130 -5.75 -20.14 -44.07
CA VAL A 130 -5.62 -18.88 -43.35
C VAL A 130 -6.99 -18.22 -43.14
N TYR A 131 -7.34 -18.00 -41.88
CA TYR A 131 -8.64 -17.45 -41.50
C TYR A 131 -8.51 -16.17 -40.66
N SER A 132 -9.54 -15.33 -40.72
CA SER A 132 -9.57 -14.11 -39.93
C SER A 132 -10.71 -14.16 -38.94
N ILE A 133 -10.47 -13.60 -37.75
CA ILE A 133 -11.54 -13.39 -36.78
C ILE A 133 -11.45 -11.96 -36.24
N GLU A 134 -12.56 -11.24 -36.30
CA GLU A 134 -12.60 -9.87 -35.82
C GLU A 134 -12.75 -9.82 -34.31
N GLU A 135 -11.82 -9.13 -33.68
CA GLU A 135 -11.80 -8.97 -32.23
C GLU A 135 -11.76 -7.48 -31.89
N PHE A 136 -11.68 -7.18 -30.60
CA PHE A 136 -11.50 -5.80 -30.16
C PHE A 136 -10.19 -5.58 -29.39
N ARG A 137 -9.58 -4.42 -29.61
CA ARG A 137 -8.48 -3.94 -28.78
C ARG A 137 -8.96 -2.72 -28.01
N ARG A 138 -8.67 -2.69 -26.72
CA ARG A 138 -9.00 -1.54 -25.90
C ARG A 138 -7.99 -0.43 -26.19
N PHE A 139 -8.49 0.74 -26.57
CA PHE A 139 -7.61 1.85 -26.87
C PHE A 139 -7.90 3.08 -26.02
N TYR A 140 -6.81 3.72 -25.55
CA TYR A 140 -6.89 4.89 -24.68
C TYR A 140 -6.31 6.13 -25.37
N PRO A 141 -7.20 6.96 -25.96
CA PRO A 141 -6.81 8.10 -26.81
C PRO A 141 -5.96 9.13 -26.13
N ALA A 142 -6.18 9.36 -24.84
CA ALA A 142 -5.40 10.37 -24.11
C ALA A 142 -4.16 9.77 -23.47
N GLY A 143 -4.01 8.45 -23.56
CA GLY A 143 -2.81 7.77 -23.06
C GLY A 143 -2.49 8.09 -21.61
N GLU A 144 -1.26 8.52 -21.35
CA GLU A 144 -0.80 8.71 -19.98
C GLU A 144 -1.44 9.90 -19.26
N VAL A 145 -2.13 10.76 -20.02
CA VAL A 145 -2.78 11.94 -19.47
C VAL A 145 -3.83 11.57 -18.42
N VAL A 146 -4.56 10.47 -18.66
CA VAL A 146 -5.62 10.02 -17.75
C VAL A 146 -5.46 8.56 -17.31
N ALA A 147 -4.24 8.03 -17.33
CA ALA A 147 -4.01 6.60 -17.11
C ALA A 147 -4.41 6.17 -15.71
N HIS A 148 -4.14 7.03 -14.73
CA HIS A 148 -4.39 6.68 -13.34
C HIS A 148 -5.89 6.60 -13.06
N ALA A 149 -6.66 7.52 -13.62
CA ALA A 149 -8.10 7.55 -13.38
C ALA A 149 -8.81 6.42 -14.14
N VAL A 150 -8.56 6.35 -15.45
CA VAL A 150 -9.20 5.37 -16.34
C VAL A 150 -8.72 3.93 -16.08
N GLY A 151 -7.43 3.76 -15.81
CA GLY A 151 -6.86 2.43 -15.64
C GLY A 151 -6.77 1.69 -16.96
N PHE A 152 -6.84 0.35 -16.91
CA PHE A 152 -6.75 -0.48 -18.12
C PHE A 152 -7.32 -1.87 -17.93
N THR A 153 -7.64 -2.53 -19.06
CA THR A 153 -7.99 -3.94 -19.06
C THR A 153 -6.77 -4.80 -19.39
N ASP A 154 -6.79 -6.05 -18.94
CA ASP A 154 -5.72 -6.98 -19.24
C ASP A 154 -5.98 -7.75 -20.53
N VAL A 155 -5.09 -8.71 -20.80
CA VAL A 155 -5.17 -9.56 -21.98
C VAL A 155 -6.56 -10.18 -22.18
N ASP A 156 -7.24 -10.47 -21.06
CA ASP A 156 -8.56 -11.11 -21.11
C ASP A 156 -9.73 -10.13 -21.01
N ASP A 157 -9.48 -8.84 -21.22
CA ASP A 157 -10.52 -7.80 -21.29
C ASP A 157 -11.23 -7.46 -19.97
N ARG A 158 -10.62 -7.87 -18.86
CA ARG A 158 -11.10 -7.52 -17.52
C ARG A 158 -10.34 -6.29 -17.00
N GLY A 159 -11.07 -5.37 -16.39
CA GLY A 159 -10.46 -4.21 -15.74
C GLY A 159 -9.53 -4.65 -14.63
N ARG A 160 -8.34 -4.04 -14.56
CA ARG A 160 -7.36 -4.38 -13.53
C ARG A 160 -6.96 -3.19 -12.69
N GLU A 161 -7.16 -1.99 -13.24
CA GLU A 161 -6.83 -0.76 -12.53
C GLU A 161 -7.85 0.34 -12.84
N GLY A 162 -7.93 1.33 -11.94
CA GLY A 162 -8.74 2.52 -12.15
C GLY A 162 -10.21 2.25 -12.43
N ILE A 163 -10.81 3.15 -13.21
CA ILE A 163 -12.22 3.06 -13.58
C ILE A 163 -12.58 1.76 -14.31
N GLU A 164 -11.65 1.27 -15.13
CA GLU A 164 -11.85 -0.01 -15.81
C GLU A 164 -12.15 -1.13 -14.81
N LEU A 165 -11.45 -1.13 -13.66
CA LEU A 165 -11.72 -2.12 -12.61
C LEU A 165 -13.00 -1.76 -11.82
N ALA A 166 -13.14 -0.50 -11.45
CA ALA A 166 -14.28 -0.06 -10.64
C ALA A 166 -15.65 -0.32 -11.29
N PHE A 167 -15.74 -0.11 -12.61
CA PHE A 167 -17.00 -0.26 -13.34
C PHE A 167 -16.98 -1.43 -14.31
N ASP A 168 -16.20 -2.47 -13.98
CA ASP A 168 -15.97 -3.57 -14.91
C ASP A 168 -17.27 -4.23 -15.33
N GLU A 169 -18.18 -4.38 -14.37
CA GLU A 169 -19.49 -5.01 -14.61
C GLU A 169 -20.30 -4.21 -15.62
N TRP A 170 -20.39 -2.91 -15.39
CA TRP A 170 -21.12 -1.97 -16.25
C TRP A 170 -20.52 -1.94 -17.66
N LEU A 171 -19.19 -1.82 -17.71
CA LEU A 171 -18.45 -1.68 -18.95
C LEU A 171 -18.38 -2.96 -19.80
N ALA A 172 -18.27 -4.12 -19.15
CA ALA A 172 -17.91 -5.39 -19.83
C ALA A 172 -18.77 -5.82 -21.03
N GLY A 173 -20.06 -6.04 -20.82
CA GLY A 173 -20.85 -6.70 -21.87
C GLY A 173 -20.49 -8.17 -22.03
N VAL A 174 -21.30 -8.89 -22.80
CA VAL A 174 -21.24 -10.34 -22.78
C VAL A 174 -21.03 -10.94 -24.17
N PRO A 175 -19.96 -11.73 -24.35
CA PRO A 175 -19.69 -12.38 -25.63
C PRO A 175 -20.81 -13.31 -26.04
N GLY A 176 -20.97 -13.48 -27.35
CA GLY A 176 -21.91 -14.43 -27.92
C GLY A 176 -21.21 -15.71 -28.35
N LYS A 177 -22.01 -16.68 -28.80
CA LYS A 177 -21.47 -17.93 -29.33
C LYS A 177 -22.04 -18.21 -30.71
N ARG A 178 -21.21 -18.77 -31.57
CA ARG A 178 -21.69 -19.32 -32.83
C ARG A 178 -21.05 -20.69 -33.06
N GLN A 179 -21.69 -21.46 -33.93
CA GLN A 179 -21.21 -22.79 -34.27
C GLN A 179 -20.64 -22.82 -35.68
N VAL A 180 -19.48 -23.44 -35.83
CA VAL A 180 -18.91 -23.68 -37.13
C VAL A 180 -18.77 -25.19 -37.35
N LEU A 181 -18.89 -25.61 -38.60
CA LEU A 181 -18.62 -27.00 -38.96
C LEU A 181 -17.23 -27.15 -39.56
N LYS A 182 -16.48 -28.10 -39.03
CA LYS A 182 -15.14 -28.39 -39.53
C LYS A 182 -15.11 -29.82 -40.04
N ASP A 183 -14.32 -30.06 -41.08
CA ASP A 183 -14.16 -31.41 -41.62
C ASP A 183 -13.06 -32.19 -40.87
N ARG A 184 -12.71 -33.36 -41.40
CA ARG A 184 -11.74 -34.26 -40.78
C ARG A 184 -10.40 -33.57 -40.54
N ARG A 185 -9.95 -32.81 -41.53
CA ARG A 185 -8.66 -32.14 -41.51
C ARG A 185 -8.71 -30.80 -40.76
N GLY A 186 -9.90 -30.37 -40.38
CA GLY A 186 -10.06 -29.16 -39.58
C GLY A 186 -10.38 -27.93 -40.39
N ARG A 187 -10.63 -28.11 -41.69
CA ARG A 187 -11.03 -27.03 -42.55
C ARG A 187 -12.43 -26.57 -42.15
N VAL A 188 -12.59 -25.26 -41.94
CA VAL A 188 -13.90 -24.67 -41.66
C VAL A 188 -14.69 -24.64 -42.97
N ILE A 189 -15.78 -25.40 -43.01
CA ILE A 189 -16.57 -25.50 -44.23
C ILE A 189 -17.88 -24.71 -44.17
N LYS A 190 -18.39 -24.47 -42.97
CA LYS A 190 -19.67 -23.80 -42.82
C LYS A 190 -19.82 -23.09 -41.48
N ASP A 191 -20.33 -21.87 -41.53
CA ASP A 191 -20.81 -21.18 -40.34
C ASP A 191 -22.27 -21.57 -40.16
N VAL A 192 -22.55 -22.48 -39.22
CA VAL A 192 -23.88 -23.13 -39.14
C VAL A 192 -24.94 -22.26 -38.47
N GLN A 193 -24.64 -21.68 -37.30
CA GLN A 193 -25.60 -20.85 -36.56
C GLN A 193 -24.98 -19.98 -35.47
N VAL A 194 -25.64 -18.87 -35.16
CA VAL A 194 -25.38 -18.08 -33.95
C VAL A 194 -26.26 -18.65 -32.83
N THR A 195 -25.65 -19.05 -31.72
CA THR A 195 -26.41 -19.60 -30.59
C THR A 195 -26.64 -18.53 -29.50
N LYS A 196 -25.79 -17.51 -29.51
CA LYS A 196 -25.89 -16.41 -28.55
C LYS A 196 -25.35 -15.12 -29.19
N ASN A 197 -26.17 -14.07 -29.20
CA ASN A 197 -25.73 -12.75 -29.67
C ASN A 197 -24.82 -12.07 -28.65
N ALA A 198 -23.80 -11.37 -29.14
CA ALA A 198 -22.96 -10.53 -28.29
C ALA A 198 -23.76 -9.28 -27.87
N LYS A 199 -23.65 -8.94 -26.59
CA LYS A 199 -24.23 -7.69 -26.09
C LYS A 199 -23.11 -6.76 -25.62
N PRO A 200 -23.11 -5.50 -26.11
CA PRO A 200 -22.07 -4.54 -25.72
C PRO A 200 -22.21 -4.06 -24.28
N GLY A 201 -21.09 -3.67 -23.68
CA GLY A 201 -21.10 -3.03 -22.36
C GLY A 201 -21.69 -1.63 -22.44
N LYS A 202 -21.82 -0.96 -21.30
CA LYS A 202 -22.45 0.35 -21.26
C LYS A 202 -21.44 1.49 -21.23
N THR A 203 -21.84 2.62 -21.84
CA THR A 203 -21.06 3.84 -21.84
C THR A 203 -21.02 4.40 -20.41
N LEU A 204 -19.87 4.97 -20.05
CA LEU A 204 -19.73 5.62 -18.77
C LEU A 204 -19.08 6.98 -18.93
N ALA A 205 -19.81 8.02 -18.54
CA ALA A 205 -19.33 9.41 -18.54
C ALA A 205 -18.66 9.80 -17.22
N LEU A 206 -17.34 9.97 -17.24
CA LEU A 206 -16.62 10.44 -16.05
C LEU A 206 -16.88 11.91 -15.77
N SER A 207 -16.61 12.34 -14.54
CA SER A 207 -16.77 13.73 -14.17
C SER A 207 -15.63 14.58 -14.76
N ILE A 208 -14.52 13.93 -15.11
CA ILE A 208 -13.30 14.62 -15.53
C ILE A 208 -13.53 15.41 -16.80
N ASP A 209 -12.98 16.62 -16.86
CA ASP A 209 -13.02 17.40 -18.09
C ASP A 209 -11.63 17.21 -18.68
N LEU A 210 -11.56 16.56 -19.84
CA LEU A 210 -10.29 16.18 -20.46
C LEU A 210 -9.42 17.41 -20.78
N ARG A 211 -10.05 18.53 -21.12
CA ARG A 211 -9.31 19.79 -21.35
C ARG A 211 -8.56 20.21 -20.09
N LEU A 212 -9.26 20.22 -18.97
CA LEU A 212 -8.62 20.52 -17.69
C LEU A 212 -7.61 19.44 -17.28
N GLN A 213 -7.89 18.19 -17.68
CA GLN A 213 -6.96 17.09 -17.44
C GLN A 213 -5.64 17.28 -18.19
N TYR A 214 -5.70 17.61 -19.49
CA TYR A 214 -4.49 17.88 -20.27
C TYR A 214 -3.66 19.00 -19.63
N LEU A 215 -4.32 20.11 -19.30
CA LEU A 215 -3.66 21.26 -18.70
C LEU A 215 -2.98 20.89 -17.39
N ALA A 216 -3.72 20.28 -16.48
CA ALA A 216 -3.20 19.86 -15.20
C ALA A 216 -2.06 18.85 -15.35
N HIS A 217 -2.25 17.85 -16.22
CA HIS A 217 -1.22 16.89 -16.50
C HIS A 217 0.09 17.54 -16.89
N ARG A 218 0.01 18.46 -17.86
CA ARG A 218 1.19 19.06 -18.44
C ARG A 218 1.90 19.96 -17.44
N GLU A 219 1.13 20.75 -16.71
CA GLU A 219 1.71 21.65 -15.73
C GLU A 219 2.32 20.94 -14.53
N LEU A 220 1.70 19.86 -14.05
CA LEU A 220 2.30 19.06 -12.96
C LEU A 220 3.59 18.41 -13.42
N ARG A 221 3.58 17.87 -14.65
CA ARG A 221 4.78 17.31 -15.25
C ARG A 221 5.92 18.34 -15.31
N ASN A 222 5.60 19.52 -15.84
CA ASN A 222 6.54 20.62 -15.94
C ASN A 222 7.11 20.98 -14.58
N ALA A 223 6.21 21.16 -13.61
CA ALA A 223 6.60 21.40 -12.23
C ALA A 223 7.49 20.28 -11.71
N LEU A 224 7.09 19.02 -11.95
CA LEU A 224 7.87 17.87 -11.47
C LEU A 224 9.30 17.94 -12.02
N LEU A 225 9.41 18.23 -13.30
CA LEU A 225 10.68 18.28 -13.98
C LEU A 225 11.51 19.52 -13.65
N GLU A 226 10.88 20.70 -13.62
CA GLU A 226 11.55 21.92 -13.13
C GLU A 226 12.14 21.74 -11.73
N ASN A 227 11.37 21.10 -10.84
CA ASN A 227 11.77 20.98 -9.45
C ASN A 227 12.55 19.72 -9.14
N GLY A 228 12.58 18.80 -10.09
CA GLY A 228 13.35 17.56 -9.93
C GLY A 228 12.75 16.73 -8.81
N ALA A 229 11.41 16.71 -8.81
CA ALA A 229 10.65 16.07 -7.76
C ALA A 229 10.62 14.58 -8.04
N LYS A 230 10.35 13.77 -7.01
CA LYS A 230 10.19 12.33 -7.18
C LYS A 230 8.76 11.98 -7.60
N ALA A 231 7.77 12.72 -7.13
CA ALA A 231 6.38 12.41 -7.49
C ALA A 231 5.48 13.61 -7.26
N GLY A 232 4.21 13.50 -7.64
CA GLY A 232 3.31 14.61 -7.51
C GLY A 232 1.88 14.20 -7.84
N SER A 233 0.93 15.03 -7.39
CA SER A 233 -0.49 14.85 -7.66
C SER A 233 -1.11 16.21 -7.87
N LEU A 234 -2.20 16.26 -8.61
CA LEU A 234 -2.93 17.50 -8.75
C LEU A 234 -4.39 17.15 -8.89
N VAL A 235 -5.25 17.76 -8.07
CA VAL A 235 -6.70 17.53 -8.16
C VAL A 235 -7.44 18.84 -8.41
N ILE A 236 -8.42 18.79 -9.32
CA ILE A 236 -9.29 19.92 -9.55
C ILE A 236 -10.72 19.43 -9.37
N MET A 237 -11.47 20.16 -8.55
CA MET A 237 -12.80 19.80 -8.12
C MET A 237 -13.73 20.97 -8.38
N ASP A 238 -14.92 20.67 -8.90
CA ASP A 238 -15.99 21.65 -8.99
C ASP A 238 -16.62 21.75 -7.61
N VAL A 239 -16.64 22.95 -7.02
CA VAL A 239 -17.03 23.08 -5.61
C VAL A 239 -18.54 23.01 -5.38
N LYS A 240 -19.30 23.30 -6.43
CA LYS A 240 -20.76 23.33 -6.38
C LYS A 240 -21.37 21.95 -6.56
N THR A 241 -20.74 21.09 -7.35
CA THR A 241 -21.32 19.79 -7.72
C THR A 241 -20.62 18.59 -7.11
N GLY A 242 -19.37 18.76 -6.69
CA GLY A 242 -18.58 17.65 -6.18
C GLY A 242 -17.85 16.85 -7.24
N GLU A 243 -18.02 17.23 -8.50
CA GLU A 243 -17.34 16.52 -9.57
C GLU A 243 -15.83 16.76 -9.56
N ILE A 244 -15.07 15.67 -9.67
CA ILE A 244 -13.62 15.72 -9.83
C ILE A 244 -13.33 16.03 -11.29
N LEU A 245 -12.93 17.27 -11.57
CA LEU A 245 -12.70 17.74 -12.95
C LEU A 245 -11.38 17.29 -13.55
N ALA A 246 -10.39 17.12 -12.68
CA ALA A 246 -9.10 16.62 -13.12
C ALA A 246 -8.40 15.94 -11.96
N MET A 247 -7.66 14.89 -12.27
CA MET A 247 -6.86 14.17 -11.28
C MET A 247 -5.69 13.51 -11.99
N THR A 248 -4.50 14.03 -11.72
CA THR A 248 -3.29 13.63 -12.43
C THR A 248 -2.20 13.42 -11.40
N ASN A 249 -1.27 12.53 -11.72
CA ASN A 249 -0.15 12.19 -10.85
C ASN A 249 1.09 11.98 -11.69
N GLN A 250 2.24 12.13 -11.05
CA GLN A 250 3.52 11.80 -11.66
C GLN A 250 4.25 10.97 -10.60
N PRO A 251 4.93 9.88 -11.00
CA PRO A 251 5.07 9.37 -12.37
C PRO A 251 3.75 8.79 -12.91
N THR A 252 3.65 8.73 -14.24
CA THR A 252 2.53 8.11 -14.93
C THR A 252 3.09 7.13 -15.97
N TYR A 253 2.20 6.58 -16.80
CA TYR A 253 2.59 5.58 -17.79
C TYR A 253 1.62 5.62 -18.94
N ASN A 254 2.01 4.97 -20.03
CA ASN A 254 1.18 4.83 -21.19
C ASN A 254 0.41 3.49 -21.16
N PRO A 255 -0.92 3.54 -20.91
CA PRO A 255 -1.68 2.30 -20.82
C PRO A 255 -1.79 1.56 -22.17
N ASN A 256 -1.57 2.28 -23.28
CA ASN A 256 -1.57 1.66 -24.61
C ASN A 256 -0.28 0.89 -24.88
N ASN A 257 0.79 1.20 -24.13
CA ASN A 257 2.06 0.47 -24.27
C ASN A 257 2.73 0.22 -22.92
N ARG A 258 2.45 -0.94 -22.34
CA ARG A 258 2.88 -1.20 -20.97
C ARG A 258 4.13 -2.05 -20.88
N ARG A 259 4.90 -2.10 -21.95
CA ARG A 259 6.04 -3.00 -22.07
C ARG A 259 7.01 -2.98 -20.88
N ASN A 260 7.47 -1.80 -20.51
CA ASN A 260 8.41 -1.70 -19.38
C ASN A 260 7.79 -1.00 -18.19
N LEU A 261 6.52 -1.26 -17.97
CA LEU A 261 5.78 -0.65 -16.87
C LEU A 261 6.37 -1.10 -15.53
N GLN A 262 6.57 -0.13 -14.64
CA GLN A 262 6.98 -0.39 -13.25
C GLN A 262 5.82 -0.07 -12.31
N PRO A 263 5.69 -0.84 -11.21
CA PRO A 263 4.56 -0.65 -10.28
C PRO A 263 4.35 0.79 -9.79
N ALA A 264 5.44 1.49 -9.46
CA ALA A 264 5.34 2.85 -8.91
C ALA A 264 4.63 3.86 -9.82
N ALA A 265 4.81 3.71 -11.14
CA ALA A 265 4.16 4.60 -12.11
C ALA A 265 2.67 4.36 -12.23
N MET A 266 2.18 3.27 -11.66
CA MET A 266 0.77 2.87 -11.79
C MET A 266 -0.17 3.56 -10.78
N ARG A 267 0.41 4.14 -9.74
CA ARG A 267 -0.34 4.61 -8.58
C ARG A 267 -1.14 5.88 -8.83
N ASN A 268 -2.44 5.82 -8.60
CA ASN A 268 -3.26 7.04 -8.59
C ASN A 268 -3.13 7.69 -7.23
N ARG A 269 -2.01 8.40 -7.04
CA ARG A 269 -1.56 8.87 -5.74
C ARG A 269 -2.54 9.81 -5.07
N ALA A 270 -3.19 10.66 -5.86
CA ALA A 270 -4.24 11.55 -5.36
C ALA A 270 -5.29 10.80 -4.53
N MET A 271 -5.46 9.51 -4.82
CA MET A 271 -6.53 8.69 -4.21
C MET A 271 -6.01 7.69 -3.21
N ILE A 272 -4.81 7.18 -3.46
CA ILE A 272 -4.34 5.98 -2.76
C ILE A 272 -3.12 6.25 -1.91
N ASP A 273 -2.53 7.43 -2.03
CA ASP A 273 -1.42 7.78 -1.11
C ASP A 273 -1.83 8.82 -0.08
N VAL A 274 -1.31 8.66 1.13
CA VAL A 274 -1.70 9.55 2.23
C VAL A 274 -0.49 10.33 2.70
N PHE A 275 -0.75 11.53 3.21
CA PHE A 275 0.31 12.40 3.71
C PHE A 275 -0.21 13.23 4.86
N GLU A 276 0.69 13.68 5.72
CA GLU A 276 0.38 14.74 6.68
C GLU A 276 0.21 16.10 5.97
N PRO A 277 -1.01 16.68 6.03
CA PRO A 277 -1.33 17.90 5.27
C PRO A 277 -0.67 19.18 5.80
N GLY A 278 -0.05 19.12 6.98
CA GLY A 278 0.59 20.28 7.57
C GLY A 278 -0.29 21.51 7.57
N SER A 279 0.32 22.67 7.30
CA SER A 279 -0.34 23.94 7.52
C SER A 279 -1.55 24.17 6.60
N THR A 280 -1.76 23.27 5.64
CA THR A 280 -2.96 23.35 4.79
C THR A 280 -4.27 23.01 5.52
N VAL A 281 -4.18 22.43 6.72
CA VAL A 281 -5.37 22.25 7.57
C VAL A 281 -5.66 23.45 8.50
N LYS A 282 -4.73 24.39 8.60
CA LYS A 282 -4.92 25.59 9.42
C LYS A 282 -6.22 26.37 9.19
N PRO A 283 -6.67 26.51 7.93
CA PRO A 283 -7.97 27.20 7.79
C PRO A 283 -9.12 26.46 8.50
N PHE A 284 -8.95 25.16 8.72
CA PHE A 284 -9.95 24.36 9.44
C PHE A 284 -9.81 24.50 10.96
N SER A 285 -8.57 24.50 11.45
CA SER A 285 -8.30 24.87 12.83
C SER A 285 -8.89 26.26 13.12
N MET A 286 -8.66 27.18 12.19
CA MET A 286 -9.20 28.53 12.25
C MET A 286 -10.73 28.54 12.24
N SER A 287 -11.35 27.68 11.44
CA SER A 287 -12.82 27.59 11.42
C SER A 287 -13.36 27.11 12.77
N ALA A 288 -12.65 26.16 13.40
CA ALA A 288 -13.00 25.65 14.72
C ALA A 288 -12.94 26.77 15.77
N ALA A 289 -11.89 27.59 15.67
CA ALA A 289 -11.67 28.74 16.56
C ALA A 289 -12.78 29.78 16.46
N LEU A 290 -13.19 30.11 15.24
CA LEU A 290 -14.28 31.06 15.03
C LEU A 290 -15.63 30.46 15.40
N ALA A 291 -15.74 29.13 15.29
CA ALA A 291 -16.96 28.40 15.66
C ALA A 291 -17.13 28.32 17.18
N SER A 292 -16.02 28.45 17.90
CA SER A 292 -16.00 28.25 19.37
C SER A 292 -16.62 29.40 20.15
N GLY A 293 -16.73 30.56 19.52
CA GLY A 293 -17.22 31.77 20.16
C GLY A 293 -16.19 32.41 21.09
N ARG A 294 -14.96 31.89 21.03
CA ARG A 294 -13.88 32.34 21.90
C ARG A 294 -12.88 33.23 21.17
N TRP A 295 -13.05 33.35 19.85
CA TRP A 295 -12.11 34.06 18.98
C TRP A 295 -12.83 34.87 17.93
N LYS A 296 -12.21 35.96 17.51
CA LYS A 296 -12.71 36.80 16.43
C LYS A 296 -11.53 37.28 15.61
N PRO A 297 -11.76 37.64 14.32
CA PRO A 297 -10.66 37.99 13.41
C PRO A 297 -9.63 39.00 13.96
N SER A 298 -10.09 39.98 14.75
CA SER A 298 -9.19 41.01 15.30
C SER A 298 -8.28 40.55 16.46
N ASP A 299 -8.57 39.39 17.04
CA ASP A 299 -7.77 38.89 18.17
C ASP A 299 -6.30 38.75 17.80
N ILE A 300 -5.44 39.22 18.68
CA ILE A 300 -4.01 39.14 18.45
C ILE A 300 -3.41 38.04 19.34
N VAL A 301 -2.65 37.15 18.72
CA VAL A 301 -1.92 36.09 19.43
C VAL A 301 -0.43 36.45 19.48
N ASP A 302 0.19 36.28 20.64
CA ASP A 302 1.61 36.56 20.77
C ASP A 302 2.42 35.30 20.51
N VAL A 303 3.32 35.36 19.54
CA VAL A 303 4.03 34.18 19.05
C VAL A 303 5.55 34.17 19.32
N TYR A 304 6.05 35.24 19.92
CA TYR A 304 7.47 35.40 20.23
C TYR A 304 7.97 34.24 21.11
N PRO A 305 9.19 33.73 20.85
CA PRO A 305 10.14 34.09 19.81
C PRO A 305 10.09 33.12 18.62
N GLY A 306 8.88 32.72 18.25
CA GLY A 306 8.70 31.78 17.15
C GLY A 306 8.83 30.33 17.58
N THR A 307 9.11 30.10 18.86
CA THR A 307 9.06 28.75 19.43
C THR A 307 8.12 28.69 20.62
N LEU A 308 7.57 27.50 20.86
CA LEU A 308 6.79 27.22 22.06
C LEU A 308 7.17 25.85 22.58
N GLN A 309 7.95 25.84 23.65
CA GLN A 309 8.36 24.61 24.30
C GLN A 309 7.22 24.07 25.16
N ILE A 310 6.79 22.86 24.87
CA ILE A 310 5.78 22.19 25.69
C ILE A 310 6.26 20.82 26.14
N GLY A 311 6.83 20.79 27.34
CA GLY A 311 7.49 19.59 27.85
C GLY A 311 8.74 19.29 27.06
N ARG A 312 8.80 18.10 26.48
CA ARG A 312 9.95 17.71 25.68
C ARG A 312 9.81 18.11 24.20
N TYR A 313 8.58 18.31 23.74
CA TYR A 313 8.30 18.67 22.35
C TYR A 313 8.40 20.19 22.14
N THR A 314 8.98 20.60 21.02
CA THR A 314 9.10 22.03 20.69
C THR A 314 8.50 22.44 19.35
N ILE A 315 7.44 23.24 19.42
CA ILE A 315 6.76 23.78 18.24
C ILE A 315 7.59 24.94 17.69
N ARG A 316 7.83 24.92 16.38
CA ARG A 316 8.64 25.95 15.73
C ARG A 316 7.95 26.60 14.55
N ASP A 317 8.10 27.91 14.44
CA ASP A 317 7.73 28.64 13.24
C ASP A 317 8.95 28.73 12.33
N VAL A 318 8.76 28.57 11.02
CA VAL A 318 9.85 28.86 10.08
C VAL A 318 10.02 30.38 9.88
N SER A 319 8.91 31.12 9.81
CA SER A 319 8.97 32.59 9.83
C SER A 319 9.07 33.07 11.28
N ARG A 320 10.14 33.79 11.61
CA ARG A 320 10.32 34.32 12.97
C ARG A 320 10.55 35.83 12.99
N ASN A 321 9.87 36.55 12.10
CA ASN A 321 10.07 37.98 11.90
C ASN A 321 9.07 38.86 12.65
N SER A 322 7.86 38.35 12.84
CA SER A 322 6.85 39.04 13.63
C SER A 322 6.82 38.43 15.02
N ARG A 323 6.36 39.19 16.01
CA ARG A 323 6.24 38.63 17.36
C ARG A 323 4.80 38.54 17.92
N GLN A 324 3.87 39.19 17.24
CA GLN A 324 2.45 38.95 17.49
C GLN A 324 1.63 39.11 16.21
N LEU A 325 0.59 38.30 16.07
CA LEU A 325 -0.18 38.22 14.83
C LEU A 325 -1.65 38.16 15.12
N ASP A 326 -2.45 38.86 14.31
CA ASP A 326 -3.89 38.64 14.36
C ASP A 326 -4.23 37.31 13.68
N LEU A 327 -5.50 36.89 13.77
CA LEU A 327 -5.91 35.59 13.22
C LEU A 327 -5.51 35.45 11.75
N THR A 328 -5.77 36.49 10.95
CA THR A 328 -5.37 36.48 9.54
C THR A 328 -3.86 36.33 9.35
N GLY A 329 -3.09 37.02 10.19
CA GLY A 329 -1.63 37.00 10.13
C GLY A 329 -1.04 35.66 10.49
N ILE A 330 -1.73 34.89 11.33
CA ILE A 330 -1.32 33.52 11.66
C ILE A 330 -1.34 32.64 10.40
N LEU A 331 -2.38 32.80 9.58
CA LEU A 331 -2.46 32.11 8.31
C LEU A 331 -1.47 32.65 7.26
N ILE A 332 -1.34 33.97 7.14
CA ILE A 332 -0.38 34.60 6.21
C ILE A 332 1.06 34.22 6.56
N LYS A 333 1.44 34.36 7.83
CA LYS A 333 2.77 33.95 8.28
C LYS A 333 2.88 32.44 8.48
N SER A 334 1.75 31.74 8.40
CA SER A 334 1.69 30.30 8.64
C SER A 334 2.36 29.96 9.96
N SER A 335 1.84 30.54 11.04
CA SER A 335 2.45 30.36 12.36
C SER A 335 1.91 29.11 13.04
N ASN A 336 2.79 28.13 13.23
CA ASN A 336 2.48 26.94 14.00
C ASN A 336 2.19 27.29 15.45
N VAL A 337 3.06 28.14 16.02
CA VAL A 337 2.92 28.64 17.39
C VAL A 337 1.59 29.37 17.60
N GLY A 338 1.22 30.24 16.67
CA GLY A 338 -0.05 30.95 16.74
C GLY A 338 -1.26 30.02 16.78
N ILE A 339 -1.29 29.05 15.86
CA ILE A 339 -2.43 28.12 15.75
C ILE A 339 -2.45 27.13 16.92
N SER A 340 -1.27 26.81 17.47
CA SER A 340 -1.14 25.97 18.64
C SER A 340 -1.72 26.62 19.90
N LYS A 341 -1.47 27.92 20.08
CA LYS A 341 -2.02 28.64 21.22
C LYS A 341 -3.53 28.77 21.10
N ILE A 342 -4.02 28.92 19.87
CA ILE A 342 -5.45 28.91 19.65
C ILE A 342 -6.03 27.54 19.99
N ALA A 343 -5.35 26.49 19.52
CA ALA A 343 -5.76 25.11 19.74
C ALA A 343 -5.85 24.77 21.22
N PHE A 344 -4.85 25.21 21.98
CA PHE A 344 -4.85 25.01 23.44
C PHE A 344 -6.07 25.64 24.08
N ASP A 345 -6.53 26.76 23.53
CA ASP A 345 -7.65 27.50 24.11
C ASP A 345 -8.98 26.81 23.80
N ILE A 346 -9.17 26.44 22.53
CA ILE A 346 -10.45 25.86 22.09
C ILE A 346 -10.53 24.35 22.35
N GLY A 347 -9.37 23.69 22.42
CA GLY A 347 -9.33 22.25 22.65
C GLY A 347 -9.35 21.44 21.35
N ALA A 348 -8.80 20.23 21.42
CA ALA A 348 -8.63 19.40 20.23
C ALA A 348 -9.94 18.87 19.66
N GLU A 349 -10.91 18.60 20.54
CA GLU A 349 -12.20 18.07 20.06
C GLU A 349 -12.91 19.02 19.08
N SER A 350 -12.78 20.32 19.33
CA SER A 350 -13.29 21.34 18.41
C SER A 350 -12.68 21.20 17.01
N ILE A 351 -11.37 21.02 16.95
CA ILE A 351 -10.64 20.92 15.70
C ILE A 351 -10.90 19.57 15.02
N TYR A 352 -10.87 18.49 15.80
CA TYR A 352 -11.20 17.18 15.30
C TYR A 352 -12.55 17.22 14.57
N SER A 353 -13.52 17.90 15.18
CA SER A 353 -14.89 17.94 14.66
C SER A 353 -15.01 18.54 13.27
N VAL A 354 -14.45 19.72 13.07
CA VAL A 354 -14.51 20.39 11.78
C VAL A 354 -13.78 19.55 10.73
N MET A 355 -12.60 19.04 11.11
CA MET A 355 -11.83 18.15 10.22
C MET A 355 -12.60 16.90 9.76
N GLN A 356 -13.35 16.28 10.68
CA GLN A 356 -14.20 15.13 10.37
C GLN A 356 -15.38 15.57 9.49
N GLN A 357 -16.00 16.69 9.84
CA GLN A 357 -17.11 17.25 9.08
C GLN A 357 -16.77 17.66 7.63
N VAL A 358 -15.58 18.18 7.42
CA VAL A 358 -15.18 18.50 6.06
C VAL A 358 -14.57 17.27 5.37
N GLY A 359 -14.63 16.13 6.06
CA GLY A 359 -14.32 14.84 5.47
C GLY A 359 -12.88 14.36 5.53
N LEU A 360 -12.02 15.06 6.28
CA LEU A 360 -10.63 14.62 6.40
C LEU A 360 -10.55 13.31 7.19
N GLY A 361 -9.82 12.33 6.66
CA GLY A 361 -9.75 11.01 7.29
C GLY A 361 -11.03 10.20 7.17
N GLN A 362 -11.99 10.67 6.37
CA GLN A 362 -13.28 9.97 6.18
C GLN A 362 -13.41 9.33 4.80
N ASP A 363 -14.22 8.29 4.73
CA ASP A 363 -14.58 7.63 3.47
C ASP A 363 -15.26 8.61 2.49
N THR A 364 -14.69 8.76 1.30
CA THR A 364 -15.23 9.68 0.30
C THR A 364 -16.50 9.14 -0.38
N GLY A 365 -16.72 7.82 -0.27
CA GLY A 365 -17.81 7.15 -0.98
C GLY A 365 -17.58 6.95 -2.47
N LEU A 366 -16.37 7.23 -2.94
CA LEU A 366 -16.08 7.13 -4.36
C LEU A 366 -15.89 5.69 -4.84
N GLY A 367 -15.32 4.85 -3.98
CA GLY A 367 -15.07 3.43 -4.33
C GLY A 367 -14.02 3.22 -5.41
N PHE A 368 -13.09 4.16 -5.54
CA PHE A 368 -11.98 3.99 -6.45
C PHE A 368 -11.08 2.89 -5.88
N PRO A 369 -10.68 1.92 -6.71
CA PRO A 369 -9.93 0.77 -6.18
C PRO A 369 -8.60 1.21 -5.57
N GLY A 370 -8.32 0.73 -4.35
CA GLY A 370 -7.11 1.10 -3.63
C GLY A 370 -7.21 2.38 -2.81
N GLU A 371 -8.34 3.09 -2.96
CA GLU A 371 -8.52 4.38 -2.29
C GLU A 371 -8.38 4.27 -0.77
N ARG A 372 -7.60 5.18 -0.19
CA ARG A 372 -7.40 5.25 1.26
C ARG A 372 -8.34 6.24 1.94
N VAL A 373 -8.75 5.90 3.16
CA VAL A 373 -9.61 6.75 3.97
C VAL A 373 -8.74 7.76 4.74
N GLY A 374 -7.46 7.46 4.88
CA GLY A 374 -6.57 8.26 5.72
C GLY A 374 -6.90 8.03 7.19
N ASN A 375 -6.45 8.94 8.04
CA ASN A 375 -6.65 8.79 9.48
C ASN A 375 -6.70 10.11 10.25
N LEU A 376 -7.77 10.28 11.03
CA LEU A 376 -7.92 11.40 11.93
C LEU A 376 -7.84 10.83 13.33
N PRO A 377 -6.70 11.01 14.03
CA PRO A 377 -6.45 10.29 15.27
C PRO A 377 -7.46 10.64 16.36
N ASN A 378 -7.84 9.67 17.18
CA ASN A 378 -8.78 9.95 18.27
C ASN A 378 -8.34 9.40 19.61
N HIS A 379 -7.86 10.29 20.47
CA HIS A 379 -7.44 9.96 21.82
C HIS A 379 -8.59 10.13 22.79
N ARG A 380 -8.61 9.29 23.83
CA ARG A 380 -9.53 9.47 24.94
C ARG A 380 -9.18 10.75 25.70
N LYS A 381 -7.88 10.94 25.94
CA LYS A 381 -7.36 12.16 26.55
C LYS A 381 -6.37 12.80 25.59
N TRP A 382 -6.57 14.08 25.27
CA TRP A 382 -5.70 14.81 24.35
C TRP A 382 -4.65 15.63 25.09
N PRO A 383 -3.38 15.18 25.08
CA PRO A 383 -2.32 16.03 25.65
C PRO A 383 -2.09 17.28 24.79
N LYS A 384 -1.30 18.22 25.30
CA LYS A 384 -0.99 19.46 24.59
C LYS A 384 -0.29 19.19 23.25
N ALA A 385 0.73 18.34 23.29
CA ALA A 385 1.51 17.94 22.12
C ALA A 385 0.65 17.53 20.94
N GLU A 386 -0.22 16.55 21.15
CA GLU A 386 -1.12 16.05 20.09
C GLU A 386 -2.18 17.06 19.68
N THR A 387 -2.58 17.91 20.62
CA THR A 387 -3.58 18.95 20.34
C THR A 387 -2.97 20.01 19.39
N ALA A 388 -1.72 20.39 19.65
CA ALA A 388 -1.04 21.39 18.82
C ALA A 388 -0.72 20.86 17.42
N THR A 389 -0.15 19.66 17.35
CA THR A 389 0.29 19.09 16.08
C THR A 389 -0.87 18.83 15.14
N LEU A 390 -1.98 18.33 15.68
CA LEU A 390 -3.21 18.22 14.91
C LEU A 390 -3.58 19.57 14.32
N ALA A 391 -3.57 20.60 15.15
CA ALA A 391 -4.00 21.93 14.74
C ALA A 391 -3.17 22.48 13.58
N TYR A 392 -1.87 22.16 13.58
CA TYR A 392 -1.08 22.58 12.45
C TYR A 392 -0.75 21.47 11.43
N GLY A 393 -1.52 20.37 11.47
CA GLY A 393 -1.55 19.39 10.39
C GLY A 393 -0.62 18.18 10.41
N TYR A 394 -0.19 17.76 11.59
CA TYR A 394 0.62 16.54 11.75
C TYR A 394 -0.08 15.58 12.68
N GLY A 395 0.24 14.29 12.54
CA GLY A 395 -0.41 13.24 13.33
C GLY A 395 -1.74 12.79 12.71
N LEU A 396 -2.15 13.45 11.63
CA LEU A 396 -3.27 13.00 10.82
C LEU A 396 -2.75 12.74 9.41
N SER A 397 -3.45 11.92 8.66
CA SER A 397 -3.10 11.70 7.27
C SER A 397 -4.35 11.76 6.40
N VAL A 398 -4.20 12.46 5.27
CA VAL A 398 -5.26 12.63 4.27
C VAL A 398 -4.75 12.24 2.87
N THR A 399 -5.68 12.20 1.90
CA THR A 399 -5.33 12.07 0.49
C THR A 399 -5.56 13.41 -0.22
N ALA A 400 -4.95 13.60 -1.39
CA ALA A 400 -5.15 14.85 -2.13
C ALA A 400 -6.63 15.10 -2.41
N ILE A 401 -7.34 14.06 -2.82
CA ILE A 401 -8.80 14.08 -3.03
C ILE A 401 -9.53 14.64 -1.81
N GLN A 402 -9.26 14.09 -0.63
CA GLN A 402 -9.87 14.58 0.60
C GLN A 402 -9.58 16.05 0.87
N LEU A 403 -8.32 16.45 0.71
CA LEU A 403 -7.92 17.83 0.94
C LEU A 403 -8.66 18.78 0.02
N ALA A 404 -8.79 18.42 -1.25
CA ALA A 404 -9.51 19.22 -2.24
C ALA A 404 -10.97 19.32 -1.88
N HIS A 405 -11.50 18.24 -1.30
CA HIS A 405 -12.91 18.16 -0.91
C HIS A 405 -13.18 19.07 0.27
N ALA A 406 -12.21 19.12 1.18
CA ALA A 406 -12.34 19.99 2.35
C ALA A 406 -12.29 21.46 1.94
N TYR A 407 -11.45 21.80 0.97
CA TYR A 407 -11.34 23.17 0.47
C TYR A 407 -12.56 23.51 -0.36
N ALA A 408 -13.10 22.51 -1.06
CA ALA A 408 -14.38 22.65 -1.78
C ALA A 408 -15.49 23.12 -0.85
N ALA A 409 -15.62 22.46 0.30
CA ALA A 409 -16.65 22.81 1.26
C ALA A 409 -16.48 24.26 1.77
N LEU A 410 -15.25 24.61 2.13
CA LEU A 410 -14.93 25.96 2.58
C LEU A 410 -15.22 26.95 1.46
N ALA A 411 -14.76 26.62 0.26
CA ALA A 411 -15.01 27.45 -0.93
C ALA A 411 -16.51 27.62 -1.22
N ASN A 412 -17.28 26.58 -0.90
CA ASN A 412 -18.70 26.54 -1.23
C ASN A 412 -19.56 27.12 -0.11
N ASP A 413 -18.97 28.06 0.64
CA ASP A 413 -19.64 28.72 1.76
C ASP A 413 -19.99 27.74 2.88
N GLY A 414 -19.11 26.78 3.11
CA GLY A 414 -19.24 25.81 4.20
C GLY A 414 -20.14 24.63 3.90
N LYS A 415 -20.71 24.59 2.69
CA LYS A 415 -21.52 23.47 2.25
C LYS A 415 -20.66 22.41 1.56
N SER A 416 -20.63 21.23 2.17
CA SER A 416 -19.90 20.10 1.64
C SER A 416 -20.83 19.31 0.75
N VAL A 417 -20.32 18.94 -0.41
CA VAL A 417 -21.08 18.19 -1.42
C VAL A 417 -20.37 16.87 -1.76
N PRO A 418 -21.13 15.76 -1.85
CA PRO A 418 -20.58 14.43 -2.12
C PRO A 418 -19.67 14.40 -3.34
N LEU A 419 -18.48 13.86 -3.16
CA LEU A 419 -17.57 13.60 -4.26
C LEU A 419 -18.19 12.72 -5.33
N SER A 420 -17.86 13.00 -6.59
CA SER A 420 -18.24 12.15 -7.71
C SER A 420 -17.14 12.09 -8.76
N MET A 421 -16.89 10.89 -9.28
CA MET A 421 -15.97 10.71 -10.41
C MET A 421 -16.70 10.37 -11.70
N THR A 422 -18.04 10.42 -11.63
CA THR A 422 -18.88 10.32 -12.80
C THR A 422 -19.64 11.64 -12.99
N ARG A 423 -20.09 11.90 -14.21
CA ARG A 423 -20.80 13.16 -14.47
C ARG A 423 -22.08 13.19 -13.65
N VAL A 424 -22.35 14.31 -12.99
CA VAL A 424 -23.62 14.52 -12.30
C VAL A 424 -24.61 15.33 -13.16
N ASP A 425 -25.87 14.90 -13.18
CA ASP A 425 -26.90 15.67 -13.88
C ASP A 425 -27.48 16.77 -12.99
N ARG A 426 -27.95 16.40 -11.81
CA ARG A 426 -28.47 17.37 -10.84
C ARG A 426 -27.43 17.72 -9.77
N VAL A 427 -27.33 19.01 -9.45
CA VAL A 427 -26.48 19.47 -8.34
C VAL A 427 -26.99 18.82 -7.04
N PRO A 428 -26.13 18.02 -6.38
CA PRO A 428 -26.59 17.25 -5.23
C PRO A 428 -26.82 18.13 -4.01
N ASP A 429 -27.65 17.66 -3.09
CA ASP A 429 -27.84 18.33 -1.83
C ASP A 429 -26.56 18.30 -1.01
N GLY A 430 -26.25 19.44 -0.39
CA GLY A 430 -25.07 19.54 0.44
C GLY A 430 -25.38 19.41 1.91
N VAL A 431 -24.31 19.38 2.70
CA VAL A 431 -24.39 19.37 4.14
C VAL A 431 -23.58 20.57 4.62
N GLN A 432 -24.25 21.47 5.34
CA GLN A 432 -23.62 22.65 5.88
C GLN A 432 -22.67 22.23 7.00
N VAL A 433 -21.39 22.10 6.68
CA VAL A 433 -20.41 21.61 7.66
C VAL A 433 -19.70 22.73 8.42
N ILE A 434 -19.59 23.89 7.79
CA ILE A 434 -19.10 25.09 8.43
C ILE A 434 -20.18 26.13 8.15
N SER A 435 -20.48 27.01 9.10
CA SER A 435 -21.50 28.04 8.88
C SER A 435 -21.12 28.99 7.74
N PRO A 436 -22.11 29.53 7.03
CA PRO A 436 -21.84 30.51 5.98
C PRO A 436 -20.90 31.65 6.42
N GLU A 437 -21.18 32.24 7.58
CA GLU A 437 -20.39 33.37 8.08
C GLU A 437 -18.93 33.03 8.36
N VAL A 438 -18.69 31.92 9.06
CA VAL A 438 -17.33 31.48 9.35
C VAL A 438 -16.59 31.13 8.05
N ALA A 439 -17.25 30.41 7.16
CA ALA A 439 -16.64 30.07 5.86
C ALA A 439 -16.30 31.34 5.09
N SER A 440 -17.20 32.33 5.14
CA SER A 440 -16.98 33.61 4.49
C SER A 440 -15.76 34.34 5.08
N THR A 441 -15.64 34.31 6.41
CA THR A 441 -14.48 34.90 7.08
C THR A 441 -13.18 34.19 6.73
N VAL A 442 -13.22 32.86 6.68
CA VAL A 442 -12.01 32.07 6.42
C VAL A 442 -11.61 32.18 4.94
N GLN A 443 -12.61 32.27 4.04
CA GLN A 443 -12.38 32.63 2.64
C GLN A 443 -11.60 33.93 2.49
N GLY A 444 -12.12 34.99 3.12
CA GLY A 444 -11.44 36.28 3.16
C GLY A 444 -10.00 36.19 3.62
N MET A 445 -9.74 35.41 4.66
CA MET A 445 -8.39 35.22 5.20
C MET A 445 -7.46 34.49 4.23
N LEU A 446 -8.01 33.52 3.51
CA LEU A 446 -7.21 32.77 2.55
C LEU A 446 -6.95 33.58 1.30
N GLN A 447 -7.84 34.51 0.99
CA GLN A 447 -7.60 35.44 -0.10
C GLN A 447 -6.42 36.37 0.25
N GLN A 448 -6.36 36.77 1.52
CA GLN A 448 -5.25 37.55 2.03
C GLN A 448 -3.95 36.77 2.04
N VAL A 449 -4.02 35.46 2.37
CA VAL A 449 -2.81 34.61 2.36
C VAL A 449 -2.14 34.70 0.98
N VAL A 450 -2.97 34.89 -0.04
CA VAL A 450 -2.46 34.95 -1.40
C VAL A 450 -2.11 36.37 -1.85
N GLU A 451 -2.98 37.33 -1.51
CA GLU A 451 -2.90 38.69 -2.06
C GLU A 451 -2.19 39.75 -1.20
N ALA A 452 -2.07 39.53 0.10
CA ALA A 452 -1.49 40.56 0.98
C ALA A 452 0.03 40.57 0.90
N GLN A 453 0.64 41.68 1.32
CA GLN A 453 2.11 41.74 1.37
C GLN A 453 2.62 40.69 2.38
N GLY A 454 3.76 40.07 2.06
CA GLY A 454 4.27 38.95 2.84
C GLY A 454 3.54 37.64 2.58
N GLY A 455 2.48 37.70 1.77
CA GLY A 455 1.69 36.51 1.45
C GLY A 455 2.29 35.62 0.37
N VAL A 456 1.49 34.65 -0.09
CA VAL A 456 1.92 33.68 -1.11
C VAL A 456 1.66 34.22 -2.53
N PHE A 457 2.52 35.14 -2.98
CA PHE A 457 2.27 35.88 -4.23
C PHE A 457 2.39 35.03 -5.50
N ARG A 458 3.20 33.97 -5.47
CA ARG A 458 3.31 33.06 -6.62
C ARG A 458 2.05 32.28 -6.92
N ALA A 459 1.08 32.30 -6.00
CA ALA A 459 -0.21 31.66 -6.18
C ALA A 459 -1.27 32.58 -6.80
N GLN A 460 -0.92 33.83 -7.04
CA GLN A 460 -1.87 34.77 -7.66
C GLN A 460 -2.24 34.35 -9.08
N VAL A 461 -3.54 34.42 -9.37
CA VAL A 461 -4.05 33.98 -10.66
C VAL A 461 -4.36 35.23 -11.49
N PRO A 462 -3.65 35.40 -12.62
CA PRO A 462 -3.88 36.57 -13.44
C PRO A 462 -5.36 36.73 -13.85
N GLY A 463 -5.94 37.86 -13.49
CA GLY A 463 -7.31 38.20 -13.84
C GLY A 463 -8.35 37.77 -12.81
N TYR A 464 -7.92 36.99 -11.84
CA TYR A 464 -8.84 36.47 -10.85
C TYR A 464 -8.37 36.75 -9.43
N HIS A 465 -9.31 36.89 -8.51
CA HIS A 465 -8.96 36.80 -7.09
C HIS A 465 -9.00 35.34 -6.68
N ALA A 466 -7.88 34.88 -6.14
CA ALA A 466 -7.75 33.52 -5.69
C ALA A 466 -7.60 33.49 -4.17
N ALA A 467 -7.84 32.33 -3.58
CA ALA A 467 -7.65 32.14 -2.14
C ALA A 467 -7.02 30.78 -1.94
N GLY A 468 -6.22 30.65 -0.90
CA GLY A 468 -5.62 29.38 -0.56
C GLY A 468 -4.52 29.45 0.47
N LYS A 469 -3.85 28.32 0.67
CA LYS A 469 -2.89 28.18 1.74
C LYS A 469 -1.79 27.26 1.25
N SER A 470 -0.54 27.69 1.36
CA SER A 470 0.54 26.80 0.99
C SER A 470 0.90 25.94 2.19
N GLY A 471 1.72 24.90 1.96
CA GLY A 471 2.19 24.07 3.05
C GLY A 471 3.46 23.39 2.63
N THR A 472 4.30 23.07 3.62
CA THR A 472 5.49 22.30 3.40
C THR A 472 5.63 21.35 4.57
N ALA A 473 5.78 20.07 4.28
CA ALA A 473 5.90 19.06 5.31
C ALA A 473 7.17 18.28 5.11
N ARG A 474 7.95 18.16 6.18
CA ARG A 474 9.05 17.21 6.21
C ARG A 474 8.47 15.84 6.00
N LYS A 475 9.10 15.06 5.14
CA LYS A 475 8.69 13.69 4.93
C LYS A 475 9.06 12.84 6.13
N VAL A 476 8.25 11.82 6.39
CA VAL A 476 8.52 10.85 7.47
C VAL A 476 9.80 10.07 7.17
N SER A 477 10.61 9.85 8.19
CA SER A 477 11.83 9.05 8.06
C SER A 477 11.57 7.64 7.56
N VAL A 478 12.50 7.15 6.75
CA VAL A 478 12.48 5.80 6.24
C VAL A 478 13.18 4.96 7.28
N GLY A 479 12.54 3.87 7.72
CA GLY A 479 13.22 2.95 8.65
C GLY A 479 13.30 3.36 10.11
N THR A 480 12.68 4.47 10.48
CA THR A 480 12.56 4.86 11.88
C THR A 480 11.38 5.80 12.08
N LYS A 481 11.04 6.10 13.34
CA LYS A 481 10.04 7.12 13.62
C LYS A 481 10.71 8.50 13.58
N GLY A 482 9.96 9.53 13.18
CA GLY A 482 10.51 10.86 13.09
C GLY A 482 10.47 11.44 11.68
N TYR A 483 11.13 12.58 11.51
CA TYR A 483 11.05 13.31 10.25
C TYR A 483 12.39 13.47 9.59
N ARG A 484 12.37 13.57 8.27
CA ARG A 484 13.59 13.64 7.51
C ARG A 484 14.19 15.03 7.57
N GLU A 485 15.52 15.08 7.56
CA GLU A 485 16.26 16.33 7.63
C GLU A 485 16.16 17.14 6.33
N ASN A 486 16.26 16.46 5.19
CA ASN A 486 16.33 17.16 3.90
C ASN A 486 15.39 16.68 2.79
N ALA A 487 14.19 16.24 3.16
CA ALA A 487 13.20 15.82 2.16
C ALA A 487 11.84 16.31 2.54
N TYR A 488 11.11 16.84 1.57
CA TYR A 488 9.93 17.62 1.84
C TYR A 488 8.79 17.29 0.89
N ARG A 489 7.61 17.72 1.29
CA ARG A 489 6.45 17.62 0.47
C ARG A 489 5.93 19.05 0.38
N SER A 490 5.77 19.54 -0.85
CA SER A 490 5.24 20.88 -1.12
C SER A 490 3.76 20.86 -1.44
N LEU A 491 3.01 21.71 -0.74
CA LEU A 491 1.57 21.70 -0.91
C LEU A 491 1.01 23.07 -1.19
N PHE A 492 -0.05 23.08 -1.96
CA PHE A 492 -0.84 24.26 -2.06
C PHE A 492 -2.26 23.80 -2.29
N ALA A 493 -3.18 24.41 -1.55
CA ALA A 493 -4.60 24.12 -1.73
C ALA A 493 -5.33 25.44 -1.78
N GLY A 494 -6.35 25.53 -2.61
CA GLY A 494 -7.06 26.78 -2.71
C GLY A 494 -8.19 26.68 -3.70
N PHE A 495 -8.83 27.82 -3.97
CA PHE A 495 -9.98 27.87 -4.87
C PHE A 495 -10.06 29.25 -5.49
N ALA A 496 -10.88 29.36 -6.53
CA ALA A 496 -11.07 30.63 -7.23
C ALA A 496 -12.35 30.49 -8.06
N PRO A 497 -12.91 31.61 -8.54
CA PRO A 497 -12.58 33.00 -8.17
C PRO A 497 -13.09 33.30 -6.77
N ALA A 498 -12.35 34.11 -6.01
CA ALA A 498 -12.76 34.41 -4.62
C ALA A 498 -14.18 34.99 -4.52
N THR A 499 -14.59 35.79 -5.49
CA THR A 499 -15.90 36.46 -5.44
C THR A 499 -17.08 35.52 -5.71
N ASP A 500 -16.81 34.37 -6.31
CA ASP A 500 -17.78 33.28 -6.44
C ASP A 500 -17.06 31.99 -6.77
N PRO A 501 -16.60 31.27 -5.73
CA PRO A 501 -15.70 30.14 -6.00
C PRO A 501 -16.32 29.05 -6.86
N ARG A 502 -15.59 28.64 -7.88
CA ARG A 502 -16.07 27.67 -8.84
C ARG A 502 -15.31 26.36 -8.76
N ILE A 503 -13.99 26.45 -8.53
CA ILE A 503 -13.16 25.27 -8.45
C ILE A 503 -12.13 25.33 -7.35
N ALA A 504 -11.88 24.18 -6.74
CA ALA A 504 -10.87 24.02 -5.72
C ALA A 504 -9.78 23.17 -6.35
N MET A 505 -8.56 23.31 -5.84
CA MET A 505 -7.45 22.63 -6.46
C MET A 505 -6.40 22.35 -5.40
N VAL A 506 -5.75 21.18 -5.51
CA VAL A 506 -4.72 20.78 -4.55
C VAL A 506 -3.53 20.37 -5.37
N VAL A 507 -2.35 20.90 -5.01
CA VAL A 507 -1.14 20.54 -5.71
C VAL A 507 -0.17 19.94 -4.70
N VAL A 508 0.29 18.74 -4.96
CA VAL A 508 1.22 18.12 -4.06
C VAL A 508 2.42 17.71 -4.86
N ILE A 509 3.61 18.05 -4.35
CA ILE A 509 4.86 17.73 -5.02
C ILE A 509 5.83 17.13 -3.98
N ASP A 510 6.27 15.88 -4.23
CA ASP A 510 7.13 15.14 -3.30
C ASP A 510 8.59 15.30 -3.63
N GLU A 511 9.36 15.68 -2.64
CA GLU A 511 10.82 15.75 -2.75
C GLU A 511 11.33 16.63 -3.89
N PRO A 512 10.90 17.90 -3.94
CA PRO A 512 11.55 18.78 -4.90
C PRO A 512 12.99 18.95 -4.45
N SER A 513 13.92 19.10 -5.40
CA SER A 513 15.33 19.13 -5.06
C SER A 513 16.13 20.20 -5.81
N LYS A 514 15.50 20.93 -6.72
CA LYS A 514 16.26 21.78 -7.63
C LYS A 514 16.11 23.30 -7.45
N ALA A 515 14.91 23.74 -7.06
CA ALA A 515 14.62 25.17 -6.90
C ALA A 515 13.81 25.41 -5.61
N GLY A 516 14.30 24.85 -4.51
CA GLY A 516 13.67 25.05 -3.21
C GLY A 516 12.61 23.99 -2.93
N TYR A 517 11.96 24.13 -1.78
CA TYR A 517 11.04 23.11 -1.32
C TYR A 517 9.79 23.64 -0.65
N PHE A 518 9.77 24.92 -0.29
CA PHE A 518 8.60 25.50 0.34
C PHE A 518 7.37 25.49 -0.57
N GLY A 519 6.22 25.19 0.02
CA GLY A 519 4.93 25.15 -0.68
C GLY A 519 4.72 26.38 -1.54
N GLY A 520 4.86 27.57 -0.94
CA GLY A 520 4.65 28.84 -1.61
C GLY A 520 5.65 29.18 -2.70
N LEU A 521 6.70 28.36 -2.82
CA LEU A 521 7.71 28.53 -3.85
C LEU A 521 7.54 27.49 -4.97
N VAL A 522 7.14 26.27 -4.59
CA VAL A 522 7.11 25.11 -5.49
C VAL A 522 5.70 24.83 -6.05
N SER A 523 4.74 24.74 -5.15
CA SER A 523 3.40 24.32 -5.53
C SER A 523 2.55 25.49 -5.92
N ALA A 524 2.70 26.61 -5.22
CA ALA A 524 1.96 27.83 -5.54
C ALA A 524 2.00 28.23 -7.02
N PRO A 525 3.21 28.29 -7.65
CA PRO A 525 3.14 28.74 -9.06
C PRO A 525 2.34 27.81 -9.97
N VAL A 526 2.28 26.53 -9.60
CA VAL A 526 1.53 25.53 -10.36
C VAL A 526 0.04 25.81 -10.21
N PHE A 527 -0.38 26.11 -8.99
CA PHE A 527 -1.76 26.50 -8.72
C PHE A 527 -2.10 27.72 -9.56
N SER A 528 -1.20 28.69 -9.56
CA SER A 528 -1.41 29.90 -10.34
C SER A 528 -1.71 29.60 -11.79
N LYS A 529 -0.82 28.84 -12.43
CA LYS A 529 -0.93 28.52 -13.85
C LYS A 529 -2.18 27.70 -14.21
N VAL A 530 -2.41 26.62 -13.45
CA VAL A 530 -3.48 25.67 -13.76
C VAL A 530 -4.85 26.29 -13.51
N MET A 531 -4.97 27.02 -12.41
CA MET A 531 -6.19 27.72 -12.04
C MET A 531 -6.54 28.75 -13.12
N ALA A 532 -5.55 29.50 -13.60
CA ALA A 532 -5.74 30.46 -14.68
C ALA A 532 -6.30 29.80 -15.93
N GLY A 533 -5.69 28.70 -16.31
CA GLY A 533 -6.05 27.97 -17.52
C GLY A 533 -7.42 27.32 -17.37
N ALA A 534 -7.66 26.75 -16.19
CA ALA A 534 -8.90 26.04 -15.91
C ALA A 534 -10.07 26.98 -15.98
N LEU A 535 -9.98 28.10 -15.25
CA LEU A 535 -11.03 29.14 -15.25
C LEU A 535 -11.31 29.72 -16.62
N ARG A 536 -10.28 29.91 -17.43
CA ARG A 536 -10.49 30.40 -18.80
C ARG A 536 -11.19 29.35 -19.66
N LEU A 537 -10.80 28.08 -19.48
CA LEU A 537 -11.38 26.96 -20.22
C LEU A 537 -12.87 26.77 -19.91
N MET A 538 -13.24 27.01 -18.65
CA MET A 538 -14.63 26.87 -18.22
C MET A 538 -15.40 28.18 -18.39
N ASN A 539 -14.78 29.15 -19.05
CA ASN A 539 -15.39 30.44 -19.34
C ASN A 539 -15.84 31.21 -18.10
N VAL A 540 -15.08 31.10 -17.00
CA VAL A 540 -15.38 31.84 -15.78
C VAL A 540 -14.95 33.30 -15.97
N PRO A 541 -15.91 34.26 -15.91
CA PRO A 541 -15.55 35.65 -16.13
C PRO A 541 -14.56 36.17 -15.07
N PRO A 542 -13.52 36.90 -15.49
CA PRO A 542 -12.50 37.34 -14.53
C PRO A 542 -13.04 38.37 -13.54
N ASP A 543 -12.69 38.21 -12.26
CA ASP A 543 -13.14 39.12 -11.20
C ASP A 543 -12.06 40.07 -10.71
N ASN A 544 -10.91 40.05 -11.39
CA ASN A 544 -9.80 40.93 -11.06
C ASN A 544 -9.14 41.50 -12.33
N LEU A 545 -9.87 42.37 -13.03
CA LEU A 545 -9.39 42.92 -14.30
C LEU A 545 -8.06 43.69 -14.27
N PRO A 546 -7.76 44.39 -13.14
CA PRO A 546 -6.42 44.96 -12.94
C PRO A 546 -5.24 44.05 -13.31
N THR A 547 -5.36 42.74 -13.08
CA THR A 547 -4.28 41.79 -13.38
C THR A 547 -4.56 40.84 -14.55
N ALA A 548 -5.64 41.12 -15.29
CA ALA A 548 -6.12 40.22 -16.36
C ALA A 548 -5.17 40.07 -17.56
N THR A 549 -5.40 39.02 -18.36
CA THR A 549 -4.55 38.68 -19.51
C THR A 549 -4.94 39.44 -20.77
N GLU A 550 -4.28 39.09 -21.88
CA GLU A 550 -4.34 39.79 -23.16
C GLU A 550 -5.75 39.98 -23.73
N GLN A 551 -6.49 38.88 -23.87
CA GLN A 551 -7.84 38.91 -24.44
C GLN A 551 -8.95 39.02 -23.40
N GLN A 552 -8.62 38.71 -22.14
CA GLN A 552 -9.55 38.86 -21.03
C GLN A 552 -9.93 40.32 -20.79
N GLN A 553 -9.01 41.23 -21.13
CA GLN A 553 -9.24 42.67 -20.96
C GLN A 553 -10.04 43.29 -22.10
N VAL A 554 -10.38 42.47 -23.11
CA VAL A 554 -11.15 42.94 -24.26
C VAL A 554 -12.65 42.70 -24.05
N ASN A 555 -12.98 41.57 -23.43
CA ASN A 555 -14.35 41.09 -23.31
C ASN A 555 -15.22 41.88 -22.33
N ALA B 42 11.74 -5.60 49.49
CA ALA B 42 12.08 -6.03 48.10
C ALA B 42 12.28 -4.84 47.17
N ILE B 43 13.40 -4.84 46.45
CA ILE B 43 13.74 -3.75 45.52
C ILE B 43 13.90 -4.28 44.09
N PRO B 44 13.17 -3.67 43.13
CA PRO B 44 13.02 -4.21 41.77
C PRO B 44 14.34 -4.27 40.99
N ALA B 45 14.44 -5.25 40.09
CA ALA B 45 15.59 -5.42 39.23
C ALA B 45 15.27 -4.98 37.80
N HIS B 46 16.28 -4.52 37.08
CA HIS B 46 16.12 -4.16 35.68
C HIS B 46 15.86 -5.42 34.87
N ARG B 47 14.76 -5.43 34.11
CA ARG B 47 14.57 -6.46 33.11
C ARG B 47 15.53 -6.18 31.96
N GLY B 48 16.11 -7.26 31.42
CA GLY B 48 17.04 -7.20 30.30
C GLY B 48 16.54 -6.42 29.11
N LEU B 49 17.45 -5.67 28.51
CA LEU B 49 17.16 -4.86 27.33
C LEU B 49 17.01 -5.75 26.10
N ILE B 50 15.88 -5.62 25.42
CA ILE B 50 15.76 -6.21 24.10
C ILE B 50 16.13 -5.17 23.05
N THR B 51 17.05 -5.55 22.16
CA THR B 51 17.45 -4.68 21.07
C THR B 51 17.29 -5.38 19.74
N ASP B 52 17.30 -4.59 18.66
CA ASP B 52 17.37 -5.13 17.31
C ASP B 52 18.82 -5.55 17.05
N ARG B 53 19.10 -6.02 15.83
CA ARG B 53 20.41 -6.55 15.48
C ARG B 53 21.54 -5.54 15.66
N ASN B 54 21.21 -4.25 15.57
CA ASN B 54 22.18 -3.15 15.61
C ASN B 54 22.19 -2.37 16.92
N GLY B 55 21.39 -2.80 17.89
CA GLY B 55 21.40 -2.13 19.19
C GLY B 55 20.24 -1.19 19.45
N GLU B 56 19.35 -1.02 18.47
CA GLU B 56 18.15 -0.19 18.67
C GLU B 56 17.20 -0.80 19.71
N PRO B 57 16.87 -0.04 20.77
CA PRO B 57 15.99 -0.51 21.85
C PRO B 57 14.59 -0.94 21.38
N LEU B 58 14.14 -2.12 21.81
CA LEU B 58 12.80 -2.62 21.46
C LEU B 58 11.97 -2.83 22.71
N ALA B 59 12.65 -2.99 23.83
CA ALA B 59 12.00 -3.22 25.11
C ALA B 59 13.00 -2.79 26.16
N VAL B 60 12.59 -1.78 26.93
CA VAL B 60 13.45 -1.17 27.91
C VAL B 60 12.69 -1.00 29.24
N SER B 61 13.38 -1.26 30.33
CA SER B 61 12.83 -0.99 31.66
C SER B 61 13.15 0.47 32.01
N THR B 62 12.10 1.27 32.14
CA THR B 62 12.27 2.69 32.42
C THR B 62 11.91 2.97 33.87
N PRO B 63 12.73 3.79 34.57
CA PRO B 63 12.43 4.09 35.97
C PRO B 63 11.17 4.93 36.12
N VAL B 64 10.29 4.49 37.02
CA VAL B 64 9.09 5.23 37.38
C VAL B 64 9.01 5.38 38.89
N THR B 65 8.19 6.33 39.36
CA THR B 65 8.05 6.58 40.79
C THR B 65 6.61 6.32 41.24
N THR B 66 6.48 5.46 42.25
CA THR B 66 5.21 5.21 42.90
C THR B 66 5.19 5.93 44.26
N LEU B 67 4.14 6.71 44.48
CA LEU B 67 3.93 7.36 45.75
C LEU B 67 3.00 6.53 46.62
N TRP B 68 3.44 6.23 47.83
CA TRP B 68 2.60 5.57 48.82
C TRP B 68 2.49 6.38 50.09
N ALA B 69 1.46 6.10 50.88
CA ALA B 69 1.20 6.84 52.10
C ALA B 69 0.86 5.95 53.28
N ASN B 70 1.33 6.35 54.46
CA ASN B 70 0.93 5.76 55.73
C ASN B 70 -0.25 6.58 56.27
N PRO B 71 -1.50 6.07 56.10
CA PRO B 71 -2.71 6.81 56.48
C PRO B 71 -2.68 7.28 57.93
N LYS B 72 -2.07 6.48 58.80
CA LYS B 72 -1.78 6.85 60.18
C LYS B 72 -1.14 8.25 60.28
N GLU B 73 -0.11 8.49 59.46
CA GLU B 73 0.55 9.80 59.44
C GLU B 73 -0.26 10.90 58.75
N LEU B 74 -0.95 10.54 57.67
CA LEU B 74 -1.78 11.50 56.92
C LEU B 74 -2.92 12.07 57.76
N MET B 75 -3.42 11.27 58.69
CA MET B 75 -4.48 11.68 59.61
C MET B 75 -4.03 12.80 60.55
N THR B 76 -2.72 12.94 60.74
CA THR B 76 -2.18 14.03 61.57
C THR B 76 -1.93 15.30 60.76
N ALA B 77 -2.21 15.25 59.45
CA ALA B 77 -1.93 16.38 58.59
C ALA B 77 -3.06 16.68 57.59
N LYS B 78 -4.30 16.47 58.05
CA LYS B 78 -5.49 16.65 57.20
C LYS B 78 -5.50 17.95 56.40
N GLU B 79 -4.82 18.98 56.90
CA GLU B 79 -4.84 20.31 56.29
C GLU B 79 -4.04 20.38 54.99
N ARG B 80 -3.24 19.36 54.73
CA ARG B 80 -2.43 19.29 53.52
C ARG B 80 -3.14 18.52 52.41
N TRP B 81 -4.28 17.92 52.75
CA TRP B 81 -5.02 17.06 51.82
C TRP B 81 -5.45 17.74 50.52
N PRO B 82 -6.16 18.89 50.61
CA PRO B 82 -6.58 19.53 49.35
C PRO B 82 -5.43 19.78 48.37
N GLN B 83 -4.28 20.23 48.88
CA GLN B 83 -3.09 20.44 48.06
C GLN B 83 -2.54 19.12 47.51
N LEU B 84 -2.49 18.10 48.35
CA LEU B 84 -2.05 16.78 47.94
C LEU B 84 -2.97 16.17 46.88
N ALA B 85 -4.28 16.32 47.06
CA ALA B 85 -5.27 15.87 46.07
C ALA B 85 -5.09 16.57 44.73
N ALA B 86 -4.84 17.87 44.76
CA ALA B 86 -4.65 18.67 43.55
C ALA B 86 -3.37 18.29 42.81
N ALA B 87 -2.32 17.95 43.57
CA ALA B 87 -1.03 17.52 42.99
C ALA B 87 -1.08 16.12 42.36
N LEU B 88 -1.96 15.27 42.88
CA LEU B 88 -2.16 13.91 42.37
C LEU B 88 -3.26 13.86 41.32
N GLY B 89 -3.89 15.00 41.07
CA GLY B 89 -4.95 15.11 40.08
C GLY B 89 -6.27 14.45 40.47
N GLN B 90 -6.56 14.43 41.77
CA GLN B 90 -7.74 13.75 42.26
C GLN B 90 -8.68 14.69 43.01
N ASP B 91 -9.99 14.41 42.91
CA ASP B 91 -11.01 15.16 43.62
C ASP B 91 -10.72 15.19 45.13
N THR B 92 -10.78 16.40 45.70
CA THR B 92 -10.48 16.62 47.11
C THR B 92 -11.27 15.71 48.07
N LYS B 93 -12.59 15.65 47.89
CA LYS B 93 -13.45 14.82 48.73
C LYS B 93 -13.23 13.33 48.49
N LEU B 94 -13.10 12.92 47.24
CA LEU B 94 -12.82 11.52 46.92
C LEU B 94 -11.46 11.07 47.47
N PHE B 95 -10.47 11.96 47.43
CA PHE B 95 -9.17 11.68 48.03
C PHE B 95 -9.30 11.51 49.54
N ALA B 96 -10.01 12.46 50.17
CA ALA B 96 -10.25 12.45 51.61
C ALA B 96 -10.96 11.18 52.05
N ASP B 97 -12.04 10.84 51.34
CA ASP B 97 -12.77 9.59 51.57
C ASP B 97 -11.82 8.39 51.60
N ARG B 98 -10.91 8.34 50.63
CA ARG B 98 -10.00 7.21 50.50
C ARG B 98 -9.06 7.07 51.71
N ILE B 99 -8.43 8.17 52.13
CA ILE B 99 -7.53 8.14 53.28
C ILE B 99 -8.28 7.84 54.58
N GLU B 100 -9.47 8.42 54.72
CA GLU B 100 -10.34 8.18 55.88
C GLU B 100 -10.77 6.72 56.00
N GLN B 101 -11.19 6.12 54.88
CA GLN B 101 -11.60 4.71 54.83
C GLN B 101 -10.47 3.72 55.13
N ASN B 102 -9.24 4.20 55.01
CA ASN B 102 -8.04 3.40 55.24
C ASN B 102 -7.19 3.94 56.39
N ALA B 103 -7.78 4.79 57.23
CA ALA B 103 -7.08 5.45 58.34
C ALA B 103 -6.42 4.45 59.29
N GLU B 104 -7.03 3.28 59.41
CA GLU B 104 -6.51 2.22 60.28
C GLU B 104 -5.25 1.55 59.73
N ARG B 105 -5.06 1.62 58.41
CA ARG B 105 -3.95 0.96 57.74
C ARG B 105 -2.64 1.75 57.76
N GLU B 106 -1.52 1.09 57.47
CA GLU B 106 -0.20 1.73 57.50
C GLU B 106 0.46 1.85 56.13
N PHE B 107 -0.20 1.30 55.11
CA PHE B 107 0.26 1.38 53.73
C PHE B 107 -0.90 1.46 52.75
N ILE B 108 -0.89 2.47 51.88
CA ILE B 108 -1.76 2.52 50.69
C ILE B 108 -1.04 3.23 49.55
N TYR B 109 -1.25 2.77 48.32
CA TYR B 109 -0.72 3.43 47.14
C TYR B 109 -1.50 4.73 46.89
N LEU B 110 -0.78 5.78 46.52
CA LEU B 110 -1.43 7.02 46.12
C LEU B 110 -1.58 7.05 44.61
N VAL B 111 -0.49 6.78 43.90
CA VAL B 111 -0.47 6.70 42.45
C VAL B 111 0.71 5.82 42.02
N ARG B 112 0.50 5.05 40.95
CA ARG B 112 1.53 4.17 40.40
C ARG B 112 2.10 4.74 39.11
N GLY B 113 3.42 4.68 38.99
CA GLY B 113 4.09 4.92 37.71
C GLY B 113 4.09 6.35 37.20
N LEU B 114 4.40 7.29 38.09
CA LEU B 114 4.70 8.64 37.66
C LEU B 114 6.12 8.69 37.10
N THR B 115 6.49 9.82 36.49
CA THR B 115 7.87 10.08 36.12
C THR B 115 8.68 10.38 37.39
N PRO B 116 10.01 10.19 37.35
CA PRO B 116 10.83 10.54 38.51
C PRO B 116 10.65 11.99 38.97
N GLU B 117 10.45 12.89 38.01
CA GLU B 117 10.25 14.31 38.31
C GLU B 117 8.89 14.61 38.93
N GLN B 118 7.82 14.06 38.33
CA GLN B 118 6.47 14.19 38.88
C GLN B 118 6.40 13.65 40.31
N GLY B 119 7.07 12.52 40.54
CA GLY B 119 7.15 11.89 41.85
C GLY B 119 7.89 12.74 42.87
N GLU B 120 8.98 13.36 42.45
CA GLU B 120 9.79 14.24 43.30
C GLU B 120 9.12 15.58 43.56
N GLY B 121 8.29 16.02 42.62
CA GLY B 121 7.50 17.24 42.75
C GLY B 121 6.51 17.18 43.91
N VAL B 122 5.94 16.00 44.14
CA VAL B 122 5.01 15.79 45.23
C VAL B 122 5.73 15.61 46.57
N ILE B 123 6.89 14.94 46.54
CA ILE B 123 7.73 14.80 47.73
C ILE B 123 8.24 16.18 48.16
N ALA B 124 8.47 17.05 47.18
CA ALA B 124 8.82 18.46 47.41
C ALA B 124 7.76 19.18 48.26
N LEU B 125 6.54 18.64 48.29
CA LEU B 125 5.46 19.17 49.11
C LEU B 125 5.66 18.86 50.60
N LYS B 126 6.49 17.86 50.90
CA LYS B 126 6.84 17.49 52.28
C LYS B 126 5.61 17.19 53.15
N VAL B 127 4.59 16.59 52.56
CA VAL B 127 3.38 16.23 53.29
C VAL B 127 3.66 14.99 54.14
N PRO B 128 3.37 15.06 55.46
CA PRO B 128 3.63 13.95 56.40
C PRO B 128 3.01 12.62 55.95
N GLY B 129 3.83 11.57 55.96
CA GLY B 129 3.39 10.23 55.62
C GLY B 129 3.38 9.87 54.14
N VAL B 130 3.82 10.78 53.28
CA VAL B 130 3.96 10.48 51.85
C VAL B 130 5.39 10.10 51.50
N TYR B 131 5.56 8.91 50.90
CA TYR B 131 6.88 8.40 50.55
C TYR B 131 6.92 7.95 49.10
N SER B 132 8.09 8.05 48.49
CA SER B 132 8.30 7.56 47.13
C SER B 132 9.02 6.23 47.13
N ILE B 133 8.65 5.37 46.18
CA ILE B 133 9.41 4.14 45.88
C ILE B 133 9.61 4.00 44.37
N GLU B 134 10.87 3.83 43.96
CA GLU B 134 11.19 3.76 42.54
C GLU B 134 10.94 2.37 41.98
N GLU B 135 10.13 2.32 40.93
CA GLU B 135 9.78 1.08 40.26
C GLU B 135 10.20 1.15 38.80
N PHE B 136 9.90 0.10 38.05
CA PHE B 136 10.15 0.09 36.61
C PHE B 136 8.87 -0.13 35.82
N ARG B 137 8.81 0.51 34.66
CA ARG B 137 7.79 0.24 33.65
C ARG B 137 8.49 -0.25 32.40
N ARG B 138 7.98 -1.35 31.84
CA ARG B 138 8.52 -1.88 30.62
C ARG B 138 8.03 -1.01 29.46
N PHE B 139 8.97 -0.43 28.71
CA PHE B 139 8.60 0.46 27.61
C PHE B 139 9.08 -0.08 26.27
N TYR B 140 8.19 0.02 25.27
CA TYR B 140 8.47 -0.47 23.92
C TYR B 140 8.57 0.70 22.91
N PRO B 141 9.79 1.19 22.61
CA PRO B 141 9.99 2.42 21.82
C PRO B 141 9.35 2.40 20.44
N ALA B 142 9.25 1.22 19.84
CA ALA B 142 8.74 1.11 18.48
C ALA B 142 7.28 0.71 18.48
N GLY B 143 6.71 0.47 19.67
CA GLY B 143 5.27 0.21 19.80
C GLY B 143 4.74 -0.88 18.90
N GLU B 144 3.71 -0.56 18.14
CA GLU B 144 3.04 -1.51 17.22
C GLU B 144 3.92 -2.10 16.11
N VAL B 145 4.99 -1.37 15.78
CA VAL B 145 5.90 -1.73 14.70
C VAL B 145 6.46 -3.17 14.89
N VAL B 146 6.65 -3.56 16.14
CA VAL B 146 7.33 -4.83 16.43
C VAL B 146 6.68 -5.56 17.63
N ALA B 147 5.39 -5.31 17.80
CA ALA B 147 4.64 -5.80 18.96
C ALA B 147 4.51 -7.32 18.93
N HIS B 148 4.32 -7.86 17.73
CA HIS B 148 4.18 -9.30 17.58
C HIS B 148 5.45 -10.07 17.92
N ALA B 149 6.59 -9.64 17.39
CA ALA B 149 7.85 -10.30 17.70
C ALA B 149 8.28 -10.11 19.17
N VAL B 150 8.20 -8.88 19.66
CA VAL B 150 8.68 -8.57 21.01
C VAL B 150 7.73 -9.05 22.11
N GLY B 151 6.43 -8.92 21.89
CA GLY B 151 5.44 -9.25 22.91
C GLY B 151 5.45 -8.20 24.02
N PHE B 152 5.12 -8.64 25.23
CA PHE B 152 5.09 -7.73 26.38
C PHE B 152 5.12 -8.50 27.70
N THR B 153 5.36 -7.77 28.78
CA THR B 153 5.24 -8.33 30.11
C THR B 153 3.93 -7.85 30.71
N ASP B 154 3.44 -8.58 31.72
CA ASP B 154 2.21 -8.19 32.39
C ASP B 154 2.53 -7.35 33.64
N VAL B 155 1.52 -7.13 34.46
CA VAL B 155 1.64 -6.31 35.66
C VAL B 155 2.71 -6.85 36.62
N ASP B 156 2.85 -8.18 36.67
CA ASP B 156 3.81 -8.86 37.56
C ASP B 156 5.20 -9.02 36.93
N ASP B 157 5.42 -8.33 35.80
CA ASP B 157 6.72 -8.25 35.11
C ASP B 157 7.18 -9.53 34.43
N ARG B 158 6.27 -10.48 34.25
CA ARG B 158 6.59 -11.71 33.52
C ARG B 158 6.16 -11.60 32.05
N GLY B 159 7.01 -12.07 31.15
CA GLY B 159 6.71 -12.08 29.72
C GLY B 159 5.52 -12.97 29.47
N ARG B 160 4.59 -12.50 28.64
CA ARG B 160 3.34 -13.21 28.41
C ARG B 160 3.16 -13.50 26.94
N GLU B 161 3.87 -12.76 26.10
CA GLU B 161 3.78 -12.90 24.65
C GLU B 161 5.15 -12.73 24.00
N GLY B 162 5.34 -13.36 22.84
CA GLY B 162 6.50 -13.09 21.99
C GLY B 162 7.82 -13.39 22.63
N ILE B 163 8.86 -12.65 22.22
CA ILE B 163 10.21 -12.76 22.79
C ILE B 163 10.21 -12.52 24.30
N GLU B 164 9.38 -11.59 24.79
CA GLU B 164 9.29 -11.35 26.23
C GLU B 164 8.98 -12.66 26.99
N LEU B 165 8.08 -13.48 26.44
CA LEU B 165 7.80 -14.79 27.00
C LEU B 165 8.90 -15.82 26.73
N ALA B 166 9.30 -15.95 25.47
CA ALA B 166 10.24 -17.02 25.10
C ALA B 166 11.58 -16.92 25.85
N PHE B 167 12.04 -15.70 26.10
CA PHE B 167 13.32 -15.48 26.80
C PHE B 167 13.18 -14.93 28.23
N ASP B 168 12.05 -15.26 28.88
CA ASP B 168 11.72 -14.64 30.16
C ASP B 168 12.78 -14.86 31.24
N GLU B 169 13.32 -16.08 31.29
CA GLU B 169 14.37 -16.43 32.24
C GLU B 169 15.62 -15.58 32.00
N TRP B 170 16.01 -15.49 30.73
CA TRP B 170 17.17 -14.72 30.30
C TRP B 170 17.00 -13.24 30.63
N LEU B 171 15.82 -12.71 30.31
CA LEU B 171 15.55 -11.28 30.47
C LEU B 171 15.30 -10.83 31.92
N ALA B 172 14.61 -11.66 32.71
CA ALA B 172 14.03 -11.24 33.99
C ALA B 172 14.96 -10.59 35.01
N GLY B 173 16.02 -11.30 35.41
CA GLY B 173 16.81 -10.86 36.55
C GLY B 173 16.04 -11.03 37.86
N VAL B 174 16.72 -10.78 38.98
CA VAL B 174 16.19 -11.13 40.29
C VAL B 174 16.11 -9.92 41.24
N PRO B 175 14.92 -9.70 41.86
CA PRO B 175 14.76 -8.63 42.85
C PRO B 175 15.72 -8.78 44.04
N GLY B 176 16.01 -7.66 44.69
CA GLY B 176 16.80 -7.65 45.92
C GLY B 176 15.92 -7.37 47.12
N LYS B 177 16.55 -7.19 48.27
CA LYS B 177 15.87 -6.83 49.51
C LYS B 177 16.72 -5.88 50.35
N ARG B 178 16.08 -4.89 50.96
CA ARG B 178 16.79 -3.91 51.80
C ARG B 178 16.21 -3.76 53.20
N VAL B 194 20.58 -3.30 53.20
CA VAL B 194 20.33 -4.04 51.97
C VAL B 194 20.81 -5.49 52.10
N THR B 195 19.88 -6.38 52.45
CA THR B 195 20.19 -7.78 52.71
C THR B 195 20.45 -8.60 51.44
N LYS B 196 19.77 -8.24 50.35
CA LYS B 196 19.97 -8.90 49.06
C LYS B 196 20.02 -7.88 47.93
N ASN B 197 21.11 -7.90 47.16
CA ASN B 197 21.26 -7.01 46.02
C ASN B 197 20.48 -7.46 44.80
N ALA B 198 20.00 -6.50 44.01
CA ALA B 198 19.31 -6.80 42.77
C ALA B 198 20.30 -7.17 41.67
N LYS B 199 19.94 -8.13 40.84
CA LYS B 199 20.71 -8.47 39.65
C LYS B 199 19.85 -8.19 38.42
N PRO B 200 20.36 -7.37 37.49
CA PRO B 200 19.54 -7.08 36.33
C PRO B 200 19.55 -8.25 35.36
N GLY B 201 18.51 -8.34 34.56
CA GLY B 201 18.43 -9.32 33.48
C GLY B 201 19.42 -9.03 32.37
N LYS B 202 19.50 -9.96 31.42
CA LYS B 202 20.50 -9.91 30.36
C LYS B 202 19.95 -9.31 29.07
N THR B 203 20.83 -8.67 28.32
CA THR B 203 20.48 -8.08 27.02
C THR B 203 20.27 -9.19 26.01
N LEU B 204 19.33 -8.97 25.10
CA LEU B 204 19.08 -9.92 24.03
C LEU B 204 19.04 -9.13 22.73
N ALA B 205 19.88 -9.52 21.79
CA ALA B 205 19.90 -8.89 20.47
C ALA B 205 19.15 -9.77 19.46
N LEU B 206 18.03 -9.27 18.98
CA LEU B 206 17.22 -10.01 18.01
C LEU B 206 17.87 -9.94 16.64
N SER B 207 17.50 -10.86 15.76
CA SER B 207 17.96 -10.83 14.37
C SER B 207 17.36 -9.65 13.57
N ILE B 208 16.24 -9.12 14.05
CA ILE B 208 15.48 -8.10 13.33
C ILE B 208 16.29 -6.81 13.12
N ASP B 209 16.19 -6.27 11.90
CA ASP B 209 16.67 -4.93 11.62
C ASP B 209 15.48 -3.99 11.69
N LEU B 210 15.49 -3.13 12.72
CA LEU B 210 14.37 -2.21 12.98
C LEU B 210 14.07 -1.28 11.80
N ARG B 211 15.10 -0.89 11.07
CA ARG B 211 14.88 -0.07 9.88
C ARG B 211 14.04 -0.85 8.84
N LEU B 212 14.38 -2.12 8.64
CA LEU B 212 13.63 -2.98 7.72
C LEU B 212 12.25 -3.30 8.26
N GLN B 213 12.17 -3.50 9.58
CA GLN B 213 10.91 -3.67 10.28
C GLN B 213 9.95 -2.47 10.06
N TYR B 214 10.44 -1.25 10.25
CA TYR B 214 9.62 -0.04 9.99
C TYR B 214 9.08 -0.02 8.57
N LEU B 215 9.98 -0.21 7.60
CA LEU B 215 9.61 -0.28 6.20
C LEU B 215 8.56 -1.36 5.93
N ALA B 216 8.82 -2.57 6.39
CA ALA B 216 7.90 -3.70 6.23
C ALA B 216 6.54 -3.42 6.89
N HIS B 217 6.58 -2.96 8.14
CA HIS B 217 5.37 -2.58 8.85
C HIS B 217 4.52 -1.59 8.06
N ARG B 218 5.13 -0.48 7.63
CA ARG B 218 4.39 0.60 6.99
C ARG B 218 3.77 0.18 5.67
N GLU B 219 4.53 -0.59 4.89
CA GLU B 219 4.12 -0.99 3.56
C GLU B 219 3.00 -2.03 3.59
N LEU B 220 3.12 -3.01 4.49
CA LEU B 220 2.09 -4.01 4.72
C LEU B 220 0.80 -3.36 5.18
N ARG B 221 0.90 -2.41 6.10
CA ARG B 221 -0.26 -1.68 6.57
C ARG B 221 -0.90 -0.87 5.43
N ASN B 222 -0.07 -0.16 4.66
CA ASN B 222 -0.54 0.53 3.47
C ASN B 222 -1.31 -0.39 2.53
N ALA B 223 -0.73 -1.56 2.26
CA ALA B 223 -1.32 -2.55 1.37
C ALA B 223 -2.63 -3.05 1.94
N LEU B 224 -2.62 -3.43 3.22
CA LEU B 224 -3.81 -3.87 3.91
C LEU B 224 -4.96 -2.88 3.71
N LEU B 225 -4.67 -1.60 3.91
CA LEU B 225 -5.70 -0.56 3.80
C LEU B 225 -6.10 -0.25 2.36
N GLU B 226 -5.12 -0.20 1.46
CA GLU B 226 -5.41 -0.02 0.04
C GLU B 226 -6.34 -1.12 -0.49
N ASN B 227 -6.09 -2.36 -0.06
CA ASN B 227 -6.83 -3.50 -0.55
C ASN B 227 -8.07 -3.85 0.26
N GLY B 228 -8.20 -3.24 1.44
CA GLY B 228 -9.34 -3.48 2.33
C GLY B 228 -9.28 -4.90 2.83
N ALA B 229 -8.07 -5.36 3.15
CA ALA B 229 -7.83 -6.73 3.49
C ALA B 229 -8.16 -6.90 4.97
N LYS B 230 -8.36 -8.14 5.41
CA LYS B 230 -8.69 -8.38 6.81
C LYS B 230 -7.41 -8.53 7.65
N ALA B 231 -6.38 -9.16 7.07
CA ALA B 231 -5.13 -9.44 7.81
C ALA B 231 -3.98 -9.64 6.86
N GLY B 232 -2.76 -9.73 7.40
CA GLY B 232 -1.58 -9.80 6.56
C GLY B 232 -0.30 -10.09 7.32
N SER B 233 0.66 -10.68 6.64
CA SER B 233 1.99 -10.91 7.21
C SER B 233 3.03 -10.53 6.19
N LEU B 234 4.23 -10.20 6.68
CA LEU B 234 5.35 -9.96 5.79
C LEU B 234 6.59 -10.39 6.54
N VAL B 235 7.37 -11.27 5.92
CA VAL B 235 8.63 -11.72 6.53
C VAL B 235 9.79 -11.41 5.60
N ILE B 236 10.88 -10.88 6.15
CA ILE B 236 12.11 -10.71 5.41
C ILE B 236 13.21 -11.49 6.12
N MET B 237 13.96 -12.25 5.35
CA MET B 237 15.00 -13.12 5.85
C MET B 237 16.27 -12.88 5.09
N ASP B 238 17.39 -12.88 5.81
CA ASP B 238 18.70 -12.93 5.20
C ASP B 238 18.93 -14.37 4.71
N VAL B 239 19.19 -14.57 3.42
CA VAL B 239 19.26 -15.93 2.87
C VAL B 239 20.57 -16.64 3.19
N LYS B 240 21.59 -15.85 3.52
CA LYS B 240 22.91 -16.37 3.84
C LYS B 240 23.04 -16.79 5.30
N THR B 241 22.41 -16.06 6.21
CA THR B 241 22.54 -16.32 7.65
C THR B 241 21.31 -16.97 8.29
N GLY B 242 20.15 -16.91 7.62
CA GLY B 242 18.90 -17.42 8.19
C GLY B 242 18.27 -16.51 9.23
N GLU B 243 18.79 -15.29 9.37
CA GLU B 243 18.24 -14.34 10.32
C GLU B 243 16.95 -13.78 9.80
N ILE B 244 15.98 -13.63 10.70
CA ILE B 244 14.73 -12.99 10.38
C ILE B 244 14.90 -11.48 10.54
N LEU B 245 15.05 -10.77 9.43
CA LEU B 245 15.35 -9.33 9.50
C LEU B 245 14.12 -8.49 9.78
N ALA B 246 12.97 -9.05 9.42
CA ALA B 246 11.70 -8.37 9.60
C ALA B 246 10.56 -9.38 9.63
N MET B 247 9.58 -9.11 10.50
CA MET B 247 8.41 -9.95 10.65
C MET B 247 7.31 -9.08 11.22
N THR B 248 6.38 -8.72 10.37
CA THR B 248 5.30 -7.82 10.70
C THR B 248 3.97 -8.47 10.34
N ASN B 249 2.92 -8.11 11.07
CA ASN B 249 1.59 -8.62 10.82
C ASN B 249 0.56 -7.52 10.99
N GLN B 250 -0.56 -7.70 10.31
CA GLN B 250 -1.72 -6.87 10.54
C GLN B 250 -2.86 -7.84 10.77
N PRO B 251 -3.79 -7.51 11.71
CA PRO B 251 -3.77 -6.30 12.54
C PRO B 251 -2.68 -6.37 13.62
N THR B 252 -2.34 -5.23 14.19
CA THR B 252 -1.33 -5.18 15.26
C THR B 252 -1.90 -4.35 16.40
N TYR B 253 -1.06 -4.04 17.39
CA TYR B 253 -1.51 -3.30 18.56
C TYR B 253 -0.36 -2.55 19.18
N ASN B 254 -0.70 -1.58 20.01
CA ASN B 254 0.27 -0.86 20.83
C ASN B 254 0.52 -1.55 22.18
N PRO B 255 1.71 -2.17 22.37
CA PRO B 255 1.92 -2.87 23.64
C PRO B 255 2.10 -1.90 24.81
N ASN B 256 2.35 -0.63 24.50
CA ASN B 256 2.46 0.41 25.52
C ASN B 256 1.11 0.84 26.07
N ASN B 257 0.05 0.65 25.28
CA ASN B 257 -1.30 0.97 25.74
C ASN B 257 -2.28 -0.09 25.27
N ARG B 258 -2.59 -1.03 26.15
CA ARG B 258 -3.38 -2.19 25.76
C ARG B 258 -4.86 -2.06 26.15
N ARG B 259 -5.28 -0.85 26.47
CA ARG B 259 -6.59 -0.61 27.09
C ARG B 259 -7.74 -1.32 26.36
N ASN B 260 -7.76 -1.23 25.04
CA ASN B 260 -8.86 -1.84 24.27
C ASN B 260 -8.38 -2.98 23.39
N LEU B 261 -7.28 -3.60 23.80
CA LEU B 261 -6.72 -4.76 23.11
C LEU B 261 -7.72 -5.92 22.94
N GLN B 262 -7.82 -6.42 21.71
CA GLN B 262 -8.66 -7.56 21.34
C GLN B 262 -7.72 -8.71 20.96
N PRO B 263 -8.09 -9.96 21.29
CA PRO B 263 -7.18 -11.10 21.05
C PRO B 263 -6.62 -11.21 19.63
N ALA B 264 -7.48 -10.98 18.64
CA ALA B 264 -7.12 -11.12 17.21
C ALA B 264 -5.93 -10.29 16.79
N ALA B 265 -5.80 -9.09 17.34
CA ALA B 265 -4.70 -8.21 16.95
C ALA B 265 -3.38 -8.64 17.59
N MET B 266 -3.43 -9.60 18.50
CA MET B 266 -2.21 -10.04 19.23
C MET B 266 -1.37 -11.08 18.47
N ARG B 267 -1.98 -11.66 17.44
CA ARG B 267 -1.44 -12.85 16.76
C ARG B 267 -0.19 -12.57 15.92
N ASN B 268 0.94 -13.19 16.26
CA ASN B 268 2.10 -13.16 15.36
C ASN B 268 1.87 -14.17 14.23
N ARG B 269 1.09 -13.76 13.25
CA ARG B 269 0.52 -14.69 12.29
C ARG B 269 1.57 -15.32 11.40
N ALA B 270 2.65 -14.58 11.14
CA ALA B 270 3.78 -15.09 10.38
C ALA B 270 4.25 -16.45 10.94
N MET B 271 4.02 -16.66 12.23
CA MET B 271 4.54 -17.84 12.92
C MET B 271 3.50 -18.79 13.43
N ILE B 272 2.29 -18.27 13.65
CA ILE B 272 1.29 -19.03 14.41
C ILE B 272 0.06 -19.34 13.59
N ASP B 273 -0.05 -18.73 12.41
CA ASP B 273 -1.13 -19.07 11.50
C ASP B 273 -0.62 -19.88 10.31
N VAL B 274 -1.43 -20.85 9.89
CA VAL B 274 -1.05 -21.67 8.77
C VAL B 274 -2.00 -21.45 7.62
N PHE B 275 -1.48 -21.68 6.41
CA PHE B 275 -2.21 -21.48 5.18
C PHE B 275 -1.73 -22.46 4.11
N GLU B 276 -2.59 -22.76 3.16
CA GLU B 276 -2.18 -23.51 1.98
C GLU B 276 -1.41 -22.57 1.06
N PRO B 277 -0.13 -22.88 0.78
CA PRO B 277 0.75 -21.96 0.06
C PRO B 277 0.44 -21.83 -1.45
N GLY B 278 -0.45 -22.66 -1.97
CA GLY B 278 -0.83 -22.63 -3.38
C GLY B 278 0.38 -22.65 -4.30
N SER B 279 0.29 -21.92 -5.42
CA SER B 279 1.31 -22.02 -6.45
C SER B 279 2.72 -21.53 -6.02
N THR B 280 2.83 -20.92 -4.84
CA THR B 280 4.14 -20.50 -4.32
C THR B 280 5.07 -21.69 -4.00
N VAL B 281 4.54 -22.92 -4.01
CA VAL B 281 5.38 -24.11 -3.87
C VAL B 281 5.70 -24.81 -5.21
N LYS B 282 5.15 -24.29 -6.31
CA LYS B 282 5.51 -24.77 -7.66
C LYS B 282 7.03 -24.77 -7.96
N PRO B 283 7.79 -23.74 -7.51
CA PRO B 283 9.24 -23.83 -7.75
C PRO B 283 9.88 -25.06 -7.09
N PHE B 284 9.23 -25.59 -6.06
CA PHE B 284 9.74 -26.75 -5.34
C PHE B 284 9.33 -28.04 -6.03
N SER B 285 8.07 -28.12 -6.49
CA SER B 285 7.63 -29.20 -7.37
C SER B 285 8.57 -29.27 -8.58
N MET B 286 8.82 -28.10 -9.19
CA MET B 286 9.74 -27.95 -10.30
C MET B 286 11.15 -28.44 -9.97
N SER B 287 11.62 -28.15 -8.76
CA SER B 287 12.93 -28.62 -8.33
C SER B 287 12.97 -30.14 -8.22
N ALA B 288 11.88 -30.73 -7.72
CA ALA B 288 11.70 -32.19 -7.70
C ALA B 288 11.79 -32.79 -9.10
N ALA B 289 11.16 -32.11 -10.08
CA ALA B 289 11.14 -32.55 -11.47
C ALA B 289 12.53 -32.60 -12.12
N LEU B 290 13.30 -31.53 -11.94
CA LEU B 290 14.64 -31.46 -12.53
C LEU B 290 15.63 -32.39 -11.82
N ALA B 291 15.37 -32.64 -10.54
CA ALA B 291 16.20 -33.56 -9.75
C ALA B 291 15.94 -35.02 -10.12
N SER B 292 14.77 -35.28 -10.70
CA SER B 292 14.35 -36.66 -11.03
C SER B 292 15.08 -37.21 -12.26
N GLY B 293 15.60 -36.32 -13.10
CA GLY B 293 16.28 -36.74 -14.32
C GLY B 293 15.31 -37.08 -15.44
N ARG B 294 14.04 -36.80 -15.22
CA ARG B 294 12.98 -37.08 -16.18
C ARG B 294 12.51 -35.79 -16.87
N TRP B 295 13.02 -34.66 -16.40
CA TRP B 295 12.60 -33.35 -16.91
C TRP B 295 13.76 -32.40 -17.18
N LYS B 296 13.62 -31.61 -18.23
CA LYS B 296 14.60 -30.59 -18.59
C LYS B 296 13.88 -29.28 -18.93
N PRO B 297 14.53 -28.12 -18.70
CA PRO B 297 13.86 -26.83 -18.85
C PRO B 297 13.13 -26.67 -20.21
N SER B 298 13.68 -27.30 -21.25
CA SER B 298 13.13 -27.16 -22.60
C SER B 298 11.88 -28.01 -22.88
N ASP B 299 11.59 -28.98 -22.01
CA ASP B 299 10.42 -29.85 -22.17
C ASP B 299 9.13 -29.07 -22.23
N ILE B 300 8.24 -29.48 -23.14
CA ILE B 300 6.96 -28.81 -23.32
C ILE B 300 5.85 -29.73 -22.83
N VAL B 301 4.96 -29.18 -22.01
CA VAL B 301 3.78 -29.90 -21.54
C VAL B 301 2.55 -29.27 -22.19
N ASP B 302 1.67 -30.13 -22.68
CA ASP B 302 0.42 -29.66 -23.24
C ASP B 302 -0.59 -29.50 -22.11
N VAL B 303 -1.19 -28.32 -22.01
CA VAL B 303 -2.07 -27.96 -20.90
C VAL B 303 -3.52 -27.71 -21.31
N TYR B 304 -3.77 -27.76 -22.62
CA TYR B 304 -5.11 -27.60 -23.20
C TYR B 304 -6.10 -28.59 -22.57
N PRO B 305 -7.35 -28.16 -22.31
CA PRO B 305 -7.92 -26.84 -22.55
C PRO B 305 -7.90 -25.93 -21.31
N GLY B 306 -6.96 -26.19 -20.42
CA GLY B 306 -6.85 -25.44 -19.17
C GLY B 306 -7.46 -26.19 -18.00
N THR B 307 -8.03 -27.35 -18.30
CA THR B 307 -8.57 -28.24 -17.28
C THR B 307 -7.98 -29.64 -17.46
N LEU B 308 -7.96 -30.40 -16.38
CA LEU B 308 -7.59 -31.81 -16.42
C LEU B 308 -8.45 -32.60 -15.45
N GLN B 309 -9.31 -33.45 -16.00
CA GLN B 309 -10.19 -34.30 -15.22
C GLN B 309 -9.46 -35.54 -14.72
N ILE B 310 -9.53 -35.77 -13.40
CA ILE B 310 -8.97 -36.96 -12.78
C ILE B 310 -10.00 -37.57 -11.82
N GLY B 311 -10.73 -38.57 -12.31
CA GLY B 311 -11.83 -39.17 -11.57
C GLY B 311 -12.97 -38.18 -11.39
N ARG B 312 -13.31 -37.92 -10.13
CA ARG B 312 -14.36 -36.99 -9.72
C ARG B 312 -13.86 -35.54 -9.76
N TYR B 313 -12.56 -35.38 -9.57
CA TYR B 313 -11.98 -34.06 -9.36
C TYR B 313 -11.44 -33.44 -10.65
N THR B 314 -11.53 -32.12 -10.75
CA THR B 314 -11.05 -31.39 -11.93
C THR B 314 -10.06 -30.26 -11.59
N ILE B 315 -8.82 -30.42 -12.04
CA ILE B 315 -7.76 -29.42 -11.89
C ILE B 315 -7.99 -28.29 -12.91
N ARG B 316 -7.88 -27.04 -12.45
CA ARG B 316 -8.12 -25.88 -13.30
C ARG B 316 -6.98 -24.85 -13.27
N ASP B 317 -6.67 -24.31 -14.44
CA ASP B 317 -5.82 -23.12 -14.55
C ASP B 317 -6.72 -21.88 -14.58
N VAL B 318 -6.28 -20.77 -13.97
CA VAL B 318 -7.00 -19.51 -14.16
C VAL B 318 -6.70 -18.90 -15.55
N SER B 319 -5.45 -19.02 -16.00
CA SER B 319 -5.04 -18.58 -17.34
C SER B 319 -5.17 -19.73 -18.34
N ARG B 320 -6.03 -19.55 -19.33
CA ARG B 320 -6.24 -20.59 -20.34
C ARG B 320 -6.00 -20.06 -21.76
N ASN B 321 -4.94 -19.26 -21.90
CA ASN B 321 -4.56 -18.68 -23.19
C ASN B 321 -3.51 -19.50 -23.91
N SER B 322 -2.78 -20.34 -23.16
CA SER B 322 -1.73 -21.20 -23.71
C SER B 322 -2.21 -22.65 -23.83
N ARG B 323 -1.83 -23.30 -24.93
CA ARG B 323 -2.13 -24.72 -25.12
C ARG B 323 -0.91 -25.61 -24.84
N GLN B 324 0.26 -24.99 -24.81
CA GLN B 324 1.50 -25.70 -24.51
C GLN B 324 2.52 -24.77 -23.83
N LEU B 325 3.11 -25.24 -22.74
CA LEU B 325 4.08 -24.46 -21.99
C LEU B 325 5.33 -25.26 -21.77
N ASP B 326 6.49 -24.60 -21.88
CA ASP B 326 7.71 -25.22 -21.40
C ASP B 326 7.74 -25.10 -19.87
N LEU B 327 8.78 -25.65 -19.25
CA LEU B 327 8.82 -25.68 -17.79
C LEU B 327 8.78 -24.27 -17.22
N THR B 328 9.52 -23.34 -17.84
CA THR B 328 9.49 -21.94 -17.41
C THR B 328 8.09 -21.33 -17.57
N GLY B 329 7.43 -21.63 -18.69
CA GLY B 329 6.09 -21.11 -18.98
C GLY B 329 5.03 -21.64 -18.03
N ILE B 330 5.27 -22.82 -17.47
CA ILE B 330 4.40 -23.41 -16.45
C ILE B 330 4.38 -22.52 -15.20
N LEU B 331 5.56 -22.06 -14.78
CA LEU B 331 5.65 -21.11 -13.69
C LEU B 331 5.13 -19.72 -14.07
N ILE B 332 5.49 -19.22 -15.26
CA ILE B 332 5.09 -17.87 -15.68
C ILE B 332 3.58 -17.71 -15.73
N LYS B 333 2.89 -18.69 -16.31
CA LYS B 333 1.44 -18.66 -16.41
C LYS B 333 0.77 -19.34 -15.21
N SER B 334 1.60 -19.91 -14.33
CA SER B 334 1.14 -20.63 -13.13
C SER B 334 0.13 -21.71 -13.48
N SER B 335 0.58 -22.70 -14.25
CA SER B 335 -0.29 -23.78 -14.70
C SER B 335 -0.44 -24.89 -13.67
N ASN B 336 -1.61 -24.96 -13.05
CA ASN B 336 -1.98 -26.07 -12.19
C ASN B 336 -1.99 -27.39 -12.96
N VAL B 337 -2.54 -27.35 -14.17
CA VAL B 337 -2.59 -28.52 -15.06
C VAL B 337 -1.19 -28.98 -15.45
N GLY B 338 -0.33 -28.03 -15.81
CA GLY B 338 1.05 -28.34 -16.21
C GLY B 338 1.84 -29.04 -15.12
N ILE B 339 1.82 -28.48 -13.92
CA ILE B 339 2.58 -29.02 -12.79
C ILE B 339 1.97 -30.33 -12.30
N SER B 340 0.66 -30.51 -12.55
CA SER B 340 -0.04 -31.74 -12.24
C SER B 340 0.43 -32.90 -13.12
N LYS B 341 0.60 -32.65 -14.41
CA LYS B 341 1.12 -33.65 -15.34
C LYS B 341 2.55 -34.02 -15.00
N ILE B 342 3.35 -33.03 -14.60
CA ILE B 342 4.71 -33.29 -14.16
C ILE B 342 4.70 -34.14 -12.89
N ALA B 343 3.80 -33.81 -11.98
CA ALA B 343 3.64 -34.55 -10.72
C ALA B 343 3.27 -36.00 -10.96
N PHE B 344 2.33 -36.25 -11.89
CA PHE B 344 1.96 -37.61 -12.26
C PHE B 344 3.16 -38.38 -12.76
N ASP B 345 4.06 -37.70 -13.48
CA ASP B 345 5.24 -38.34 -14.04
C ASP B 345 6.27 -38.68 -12.97
N ILE B 346 6.52 -37.74 -12.06
CA ILE B 346 7.59 -37.91 -11.07
C ILE B 346 7.15 -38.62 -9.79
N GLY B 347 5.86 -38.55 -9.49
CA GLY B 347 5.35 -39.16 -8.26
C GLY B 347 5.37 -38.19 -7.10
N ALA B 348 4.51 -38.46 -6.12
CA ALA B 348 4.35 -37.56 -4.99
C ALA B 348 5.52 -37.57 -4.02
N GLU B 349 6.18 -38.72 -3.86
CA GLU B 349 7.25 -38.83 -2.87
C GLU B 349 8.43 -37.91 -3.20
N SER B 350 8.73 -37.78 -4.48
CA SER B 350 9.80 -36.89 -4.93
C SER B 350 9.49 -35.43 -4.56
N ILE B 351 8.24 -35.00 -4.76
CA ILE B 351 7.81 -33.65 -4.39
C ILE B 351 7.75 -33.48 -2.87
N TYR B 352 7.18 -34.46 -2.18
CA TYR B 352 7.14 -34.46 -0.73
C TYR B 352 8.56 -34.27 -0.17
N SER B 353 9.53 -35.00 -0.74
CA SER B 353 10.91 -34.95 -0.26
C SER B 353 11.52 -33.55 -0.29
N VAL B 354 11.36 -32.87 -1.42
CA VAL B 354 11.89 -31.52 -1.61
C VAL B 354 11.27 -30.55 -0.60
N MET B 355 9.95 -30.58 -0.51
CA MET B 355 9.20 -29.78 0.45
C MET B 355 9.64 -29.98 1.90
N GLN B 356 9.87 -31.24 2.28
CA GLN B 356 10.36 -31.58 3.62
C GLN B 356 11.78 -31.07 3.84
N GLN B 357 12.63 -31.24 2.83
CA GLN B 357 14.02 -30.78 2.90
C GLN B 357 14.16 -29.26 2.97
N VAL B 358 13.28 -28.55 2.29
CA VAL B 358 13.29 -27.08 2.39
C VAL B 358 12.46 -26.62 3.59
N GLY B 359 12.04 -27.57 4.41
CA GLY B 359 11.42 -27.29 5.70
C GLY B 359 9.93 -26.97 5.74
N LEU B 360 9.21 -27.15 4.63
CA LEU B 360 7.76 -26.94 4.64
C LEU B 360 7.10 -27.98 5.53
N GLY B 361 6.29 -27.52 6.49
CA GLY B 361 5.66 -28.42 7.46
C GLY B 361 6.62 -29.03 8.48
N GLN B 362 7.85 -28.50 8.56
CA GLN B 362 8.81 -28.98 9.57
C GLN B 362 9.02 -27.94 10.67
N ASP B 363 9.45 -28.44 11.82
CA ASP B 363 9.79 -27.60 12.95
C ASP B 363 11.00 -26.70 12.61
N THR B 364 10.85 -25.41 12.85
CA THR B 364 11.90 -24.46 12.52
C THR B 364 13.02 -24.46 13.56
N GLY B 365 12.75 -25.01 14.75
CA GLY B 365 13.67 -24.93 15.90
C GLY B 365 13.74 -23.55 16.55
N LEU B 366 12.85 -22.65 16.16
CA LEU B 366 12.86 -21.27 16.65
C LEU B 366 12.34 -21.16 18.08
N GLY B 367 11.29 -21.93 18.38
CA GLY B 367 10.70 -21.93 19.72
C GLY B 367 9.97 -20.65 20.08
N PHE B 368 9.55 -19.89 19.09
CA PHE B 368 8.62 -18.79 19.32
C PHE B 368 7.31 -19.37 19.89
N PRO B 369 6.81 -18.80 21.00
CA PRO B 369 5.58 -19.30 21.63
C PRO B 369 4.37 -19.28 20.70
N GLY B 370 3.67 -20.41 20.63
CA GLY B 370 2.53 -20.55 19.73
C GLY B 370 2.86 -20.88 18.29
N GLU B 371 4.15 -20.95 17.96
CA GLU B 371 4.60 -21.27 16.59
C GLU B 371 4.06 -22.60 16.10
N ARG B 372 3.56 -22.63 14.85
CA ARG B 372 3.03 -23.85 14.25
C ARG B 372 4.06 -24.52 13.38
N VAL B 373 4.02 -25.85 13.34
CA VAL B 373 4.91 -26.63 12.49
C VAL B 373 4.26 -26.79 11.11
N GLY B 374 2.95 -26.62 11.06
CA GLY B 374 2.18 -26.82 9.83
C GLY B 374 2.05 -28.30 9.48
N ASN B 375 1.64 -28.59 8.25
CA ASN B 375 1.38 -29.98 7.87
C ASN B 375 1.76 -30.31 6.43
N LEU B 376 2.59 -31.34 6.32
CA LEU B 376 2.96 -31.92 5.03
C LEU B 376 2.41 -33.33 5.04
N PRO B 377 1.27 -33.57 4.35
CA PRO B 377 0.57 -34.84 4.51
C PRO B 377 1.44 -36.01 4.07
N ASN B 378 1.43 -37.10 4.84
CA ASN B 378 2.14 -38.31 4.43
C ASN B 378 1.17 -39.48 4.26
N HIS B 379 0.93 -39.84 3.00
CA HIS B 379 0.02 -40.93 2.66
C HIS B 379 0.78 -42.24 2.42
N ARG B 380 0.09 -43.36 2.60
CA ARG B 380 0.65 -44.68 2.33
C ARG B 380 0.75 -44.92 0.84
N LYS B 381 -0.37 -44.76 0.15
CA LYS B 381 -0.41 -44.74 -1.32
C LYS B 381 -1.00 -43.39 -1.73
N TRP B 382 -0.33 -42.72 -2.66
CA TRP B 382 -0.75 -41.40 -3.13
C TRP B 382 -1.64 -41.51 -4.37
N PRO B 383 -2.95 -41.21 -4.24
CA PRO B 383 -3.80 -41.15 -5.43
C PRO B 383 -3.40 -39.97 -6.31
N LYS B 384 -3.93 -39.92 -7.53
CA LYS B 384 -3.63 -38.84 -8.47
C LYS B 384 -4.04 -37.47 -7.92
N ALA B 385 -5.27 -37.39 -7.42
CA ALA B 385 -5.83 -36.17 -6.85
C ALA B 385 -4.89 -35.50 -5.84
N GLU B 386 -4.47 -36.26 -4.85
CA GLU B 386 -3.59 -35.78 -3.78
C GLU B 386 -2.19 -35.47 -4.28
N THR B 387 -1.74 -36.19 -5.29
CA THR B 387 -0.43 -35.98 -5.88
C THR B 387 -0.40 -34.66 -6.64
N ALA B 388 -1.46 -34.39 -7.41
CA ALA B 388 -1.56 -33.15 -8.18
C ALA B 388 -1.71 -31.93 -7.27
N THR B 389 -2.61 -32.03 -6.28
CA THR B 389 -2.90 -30.87 -5.43
C THR B 389 -1.72 -30.47 -4.57
N LEU B 390 -1.00 -31.46 -4.05
CA LEU B 390 0.28 -31.21 -3.37
C LEU B 390 1.22 -30.40 -4.26
N ALA B 391 1.38 -30.84 -5.52
CA ALA B 391 2.28 -30.21 -6.49
C ALA B 391 1.96 -28.74 -6.74
N TYR B 392 0.68 -28.41 -6.82
CA TYR B 392 0.33 -27.00 -6.94
C TYR B 392 -0.11 -26.30 -5.64
N GLY B 393 0.18 -26.93 -4.50
CA GLY B 393 0.17 -26.24 -3.21
C GLY B 393 -0.99 -26.32 -2.25
N TYR B 394 -1.87 -27.29 -2.46
CA TYR B 394 -3.01 -27.55 -1.57
C TYR B 394 -2.91 -28.91 -0.91
N GLY B 395 -3.63 -29.10 0.18
CA GLY B 395 -3.53 -30.34 0.96
C GLY B 395 -2.39 -30.32 1.97
N LEU B 396 -1.59 -29.26 1.94
CA LEU B 396 -0.50 -29.04 2.88
C LEU B 396 -0.67 -27.65 3.51
N SER B 397 -0.14 -27.46 4.72
CA SER B 397 -0.22 -26.13 5.35
C SER B 397 1.11 -25.70 5.96
N VAL B 398 1.47 -24.45 5.67
CA VAL B 398 2.77 -23.86 6.06
C VAL B 398 2.56 -22.51 6.77
N THR B 399 3.60 -22.02 7.42
CA THR B 399 3.60 -20.65 7.90
C THR B 399 4.41 -19.77 6.95
N ALA B 400 4.15 -18.46 7.00
CA ALA B 400 4.92 -17.46 6.24
C ALA B 400 6.41 -17.54 6.54
N ILE B 401 6.76 -17.80 7.80
CA ILE B 401 8.14 -18.06 8.18
C ILE B 401 8.71 -19.25 7.39
N GLN B 402 7.99 -20.37 7.38
CA GLN B 402 8.44 -21.55 6.64
C GLN B 402 8.60 -21.30 5.15
N LEU B 403 7.60 -20.63 4.56
CA LEU B 403 7.64 -20.26 3.17
C LEU B 403 8.84 -19.39 2.82
N ALA B 404 9.13 -18.41 3.67
CA ALA B 404 10.30 -17.54 3.50
C ALA B 404 11.60 -18.31 3.63
N HIS B 405 11.61 -19.32 4.49
CA HIS B 405 12.79 -20.13 4.73
C HIS B 405 13.04 -21.05 3.54
N ALA B 406 11.97 -21.57 2.95
CA ALA B 406 12.11 -22.41 1.77
C ALA B 406 12.62 -21.57 0.58
N TYR B 407 12.21 -20.32 0.50
CA TYR B 407 12.68 -19.47 -0.61
C TYR B 407 14.11 -19.01 -0.36
N ALA B 408 14.48 -18.86 0.91
CA ALA B 408 15.87 -18.58 1.28
C ALA B 408 16.79 -19.67 0.78
N ALA B 409 16.43 -20.93 1.04
CA ALA B 409 17.28 -22.06 0.66
C ALA B 409 17.48 -22.10 -0.87
N LEU B 410 16.39 -21.89 -1.60
CA LEU B 410 16.48 -21.76 -3.05
C LEU B 410 17.39 -20.61 -3.47
N ALA B 411 17.22 -19.46 -2.84
CA ALA B 411 17.99 -18.25 -3.14
C ALA B 411 19.47 -18.43 -2.84
N ASN B 412 19.74 -19.21 -1.79
CA ASN B 412 21.09 -19.45 -1.32
C ASN B 412 21.75 -20.60 -2.07
N ASP B 413 21.35 -20.77 -3.34
CA ASP B 413 21.89 -21.84 -4.21
C ASP B 413 21.60 -23.26 -3.68
N GLY B 414 20.41 -23.44 -3.12
CA GLY B 414 19.99 -24.74 -2.61
C GLY B 414 20.49 -25.05 -1.22
N LYS B 415 21.17 -24.10 -0.59
CA LYS B 415 21.69 -24.32 0.76
C LYS B 415 20.74 -23.74 1.79
N SER B 416 20.20 -24.63 2.62
CA SER B 416 19.32 -24.22 3.71
C SER B 416 20.14 -23.93 4.94
N VAL B 417 19.88 -22.78 5.55
CA VAL B 417 20.54 -22.40 6.80
C VAL B 417 19.47 -22.33 7.89
N PRO B 418 19.78 -22.84 9.11
CA PRO B 418 18.83 -22.77 10.23
C PRO B 418 18.30 -21.34 10.49
N LEU B 419 16.99 -21.23 10.66
CA LEU B 419 16.33 -19.98 11.01
C LEU B 419 16.84 -19.44 12.35
N SER B 420 16.86 -18.12 12.47
CA SER B 420 17.21 -17.48 13.73
C SER B 420 16.42 -16.19 13.94
N MET B 421 15.97 -15.96 15.17
CA MET B 421 15.34 -14.68 15.54
C MET B 421 16.23 -13.85 16.46
N THR B 422 17.42 -14.36 16.73
CA THR B 422 18.45 -13.65 17.46
C THR B 422 19.61 -13.37 16.50
N ARG B 423 20.36 -12.29 16.74
CA ARG B 423 21.50 -11.97 15.89
C ARG B 423 22.51 -13.11 15.90
N VAL B 424 22.95 -13.56 14.72
CA VAL B 424 23.98 -14.60 14.66
C VAL B 424 25.36 -13.96 14.47
N ASP B 425 26.40 -14.57 15.04
CA ASP B 425 27.75 -14.03 14.92
C ASP B 425 28.44 -14.51 13.66
N ARG B 426 28.56 -15.83 13.52
CA ARG B 426 29.13 -16.44 12.34
C ARG B 426 28.04 -17.13 11.53
N VAL B 427 28.09 -16.94 10.21
CA VAL B 427 27.20 -17.64 9.29
C VAL B 427 27.36 -19.16 9.50
N PRO B 428 26.30 -19.84 9.96
CA PRO B 428 26.42 -21.26 10.31
C PRO B 428 26.49 -22.18 9.08
N ASP B 429 26.96 -23.40 9.28
CA ASP B 429 27.03 -24.40 8.20
C ASP B 429 25.62 -24.68 7.67
N GLY B 430 25.46 -24.57 6.36
CA GLY B 430 24.18 -24.85 5.72
C GLY B 430 24.05 -26.29 5.24
N VAL B 431 22.81 -26.72 5.04
CA VAL B 431 22.54 -28.05 4.51
C VAL B 431 22.15 -27.93 3.04
N GLN B 432 22.85 -28.64 2.17
CA GLN B 432 22.50 -28.65 0.75
C GLN B 432 21.20 -29.44 0.54
N VAL B 433 20.09 -28.73 0.41
CA VAL B 433 18.79 -29.41 0.27
C VAL B 433 18.34 -29.56 -1.18
N ILE B 434 18.77 -28.62 -2.02
CA ILE B 434 18.56 -28.70 -3.46
C ILE B 434 19.94 -28.52 -4.07
N SER B 435 20.24 -29.25 -5.14
CA SER B 435 21.56 -29.13 -5.79
C SER B 435 21.78 -27.70 -6.33
N PRO B 436 23.05 -27.26 -6.34
CA PRO B 436 23.39 -25.95 -6.89
C PRO B 436 22.80 -25.71 -8.29
N GLU B 437 22.96 -26.69 -9.17
CA GLU B 437 22.51 -26.58 -10.56
C GLU B 437 21.00 -26.46 -10.67
N VAL B 438 20.26 -27.33 -9.97
CA VAL B 438 18.80 -27.27 -9.97
C VAL B 438 18.31 -25.92 -9.41
N ALA B 439 18.90 -25.48 -8.30
CA ALA B 439 18.53 -24.21 -7.67
C ALA B 439 18.80 -23.04 -8.61
N SER B 440 19.98 -23.06 -9.24
CA SER B 440 20.34 -22.06 -10.25
C SER B 440 19.32 -21.98 -11.40
N THR B 441 18.87 -23.14 -11.86
CA THR B 441 17.88 -23.21 -12.94
C THR B 441 16.53 -22.68 -12.46
N VAL B 442 16.16 -23.03 -11.23
CA VAL B 442 14.89 -22.57 -10.65
C VAL B 442 14.93 -21.09 -10.32
N GLN B 443 16.09 -20.60 -9.89
CA GLN B 443 16.28 -19.14 -9.74
C GLN B 443 16.01 -18.42 -11.07
N GLY B 444 16.58 -18.94 -12.15
CA GLY B 444 16.44 -18.36 -13.48
C GLY B 444 15.00 -18.28 -13.92
N MET B 445 14.25 -19.35 -13.68
CA MET B 445 12.83 -19.41 -14.02
C MET B 445 12.01 -18.41 -13.22
N LEU B 446 12.37 -18.25 -11.96
CA LEU B 446 11.62 -17.35 -11.09
C LEU B 446 11.90 -15.89 -11.42
N GLN B 447 13.10 -15.63 -11.93
CA GLN B 447 13.43 -14.32 -12.45
C GLN B 447 12.57 -14.02 -13.68
N GLN B 448 12.41 -15.02 -14.53
CA GLN B 448 11.53 -14.95 -15.68
C GLN B 448 10.08 -14.71 -15.29
N VAL B 449 9.64 -15.36 -14.21
CA VAL B 449 8.29 -15.17 -13.67
C VAL B 449 8.03 -13.68 -13.42
N VAL B 450 9.07 -12.98 -12.97
CA VAL B 450 8.98 -11.56 -12.61
C VAL B 450 9.20 -10.67 -13.84
N GLU B 451 10.16 -11.04 -14.67
CA GLU B 451 10.67 -10.14 -15.72
C GLU B 451 10.14 -10.37 -17.13
N ALA B 452 9.72 -11.59 -17.46
CA ALA B 452 9.32 -11.91 -18.83
C ALA B 452 7.90 -11.42 -19.16
N GLN B 453 7.60 -11.29 -20.45
CA GLN B 453 6.28 -10.85 -20.88
C GLN B 453 5.20 -11.81 -20.40
N GLY B 454 4.08 -11.25 -19.95
CA GLY B 454 3.04 -12.04 -19.30
C GLY B 454 3.37 -12.40 -17.86
N GLY B 455 4.56 -12.01 -17.41
CA GLY B 455 5.00 -12.31 -16.05
C GLY B 455 4.44 -11.37 -15.00
N VAL B 456 4.94 -11.49 -13.78
CA VAL B 456 4.45 -10.70 -12.66
C VAL B 456 5.21 -9.36 -12.55
N PHE B 457 4.85 -8.43 -13.44
CA PHE B 457 5.62 -7.19 -13.61
C PHE B 457 5.55 -6.26 -12.39
N ARG B 458 4.44 -6.33 -11.64
CA ARG B 458 4.29 -5.55 -10.40
C ARG B 458 5.28 -5.92 -9.29
N ALA B 459 5.97 -7.06 -9.44
CA ALA B 459 6.99 -7.50 -8.47
C ALA B 459 8.40 -7.01 -8.82
N GLN B 460 8.53 -6.36 -9.97
CA GLN B 460 9.82 -5.83 -10.39
C GLN B 460 10.31 -4.77 -9.41
N VAL B 461 11.57 -4.90 -9.03
CA VAL B 461 12.18 -4.03 -8.05
C VAL B 461 13.11 -3.08 -8.80
N PRO B 462 12.82 -1.76 -8.75
CA PRO B 462 13.64 -0.81 -9.50
C PRO B 462 15.13 -0.85 -9.11
N GLY B 463 16.01 -1.00 -10.10
CA GLY B 463 17.45 -1.09 -9.88
C GLY B 463 17.99 -2.49 -9.71
N TYR B 464 17.10 -3.46 -9.52
CA TYR B 464 17.50 -4.82 -9.17
C TYR B 464 16.79 -5.86 -10.01
N HIS B 465 17.47 -6.97 -10.26
CA HIS B 465 16.80 -8.15 -10.77
C HIS B 465 16.25 -8.92 -9.57
N ALA B 466 14.94 -9.16 -9.63
CA ALA B 466 14.25 -9.92 -8.59
C ALA B 466 13.67 -11.18 -9.19
N ALA B 467 13.48 -12.19 -8.34
CA ALA B 467 12.92 -13.49 -8.74
C ALA B 467 11.86 -13.88 -7.73
N GLY B 468 10.82 -14.55 -8.20
CA GLY B 468 9.78 -14.99 -7.28
C GLY B 468 8.53 -15.55 -7.93
N LYS B 469 7.51 -15.79 -7.11
CA LYS B 469 6.30 -16.47 -7.55
C LYS B 469 5.11 -15.91 -6.80
N SER B 470 4.12 -15.40 -7.53
CA SER B 470 2.88 -15.00 -6.90
C SER B 470 1.99 -16.21 -6.71
N GLY B 471 0.96 -16.06 -5.89
CA GLY B 471 -0.01 -17.12 -5.65
C GLY B 471 -1.32 -16.53 -5.20
N THR B 472 -2.41 -17.21 -5.50
CA THR B 472 -3.72 -16.85 -4.99
C THR B 472 -4.42 -18.12 -4.55
N ALA B 473 -4.81 -18.17 -3.28
CA ALA B 473 -5.51 -19.34 -2.75
C ALA B 473 -6.88 -18.92 -2.25
N ARG B 474 -7.91 -19.59 -2.75
CA ARG B 474 -9.24 -19.50 -2.17
C ARG B 474 -9.15 -19.96 -0.74
N LYS B 475 -9.86 -19.26 0.15
CA LYS B 475 -9.78 -19.60 1.56
C LYS B 475 -10.66 -20.78 1.89
N VAL B 476 -10.26 -21.55 2.91
CA VAL B 476 -11.03 -22.71 3.38
C VAL B 476 -12.38 -22.21 3.88
N SER B 477 -13.47 -22.87 3.48
CA SER B 477 -14.83 -22.51 3.90
C SER B 477 -15.01 -22.53 5.42
N VAL B 478 -15.84 -21.61 5.90
CA VAL B 478 -16.16 -21.53 7.31
C VAL B 478 -17.32 -22.49 7.53
N GLY B 479 -17.14 -23.43 8.46
CA GLY B 479 -18.25 -24.28 8.87
C GLY B 479 -18.54 -25.46 7.97
N THR B 480 -17.68 -25.70 6.99
CA THR B 480 -17.78 -26.88 6.17
C THR B 480 -16.44 -27.23 5.56
N LYS B 481 -16.37 -28.35 4.84
CA LYS B 481 -15.21 -28.66 4.03
C LYS B 481 -15.35 -27.96 2.67
N GLY B 482 -14.23 -27.69 2.03
CA GLY B 482 -14.27 -27.04 0.73
C GLY B 482 -13.71 -25.64 0.77
N TYR B 483 -13.95 -24.90 -0.31
CA TYR B 483 -13.31 -23.60 -0.50
C TYR B 483 -14.33 -22.50 -0.76
N ARG B 484 -13.98 -21.30 -0.35
CA ARG B 484 -14.90 -20.18 -0.43
C ARG B 484 -14.98 -19.64 -1.84
N GLU B 485 -16.17 -19.16 -2.20
CA GLU B 485 -16.40 -18.65 -3.54
C GLU B 485 -15.76 -17.28 -3.73
N ASN B 486 -15.86 -16.41 -2.72
CA ASN B 486 -15.42 -15.01 -2.86
C ASN B 486 -14.43 -14.49 -1.82
N ALA B 487 -13.55 -15.35 -1.32
CA ALA B 487 -12.57 -14.91 -0.34
C ALA B 487 -11.25 -15.58 -0.67
N TYR B 488 -10.17 -14.82 -0.52
CA TYR B 488 -8.90 -15.21 -1.10
C TYR B 488 -7.73 -14.83 -0.21
N ARG B 489 -6.61 -15.48 -0.46
CA ARG B 489 -5.38 -15.15 0.21
C ARG B 489 -4.41 -14.83 -0.91
N SER B 490 -3.81 -13.64 -0.86
CA SER B 490 -2.88 -13.17 -1.88
C SER B 490 -1.46 -13.40 -1.45
N LEU B 491 -0.69 -14.04 -2.33
CA LEU B 491 0.66 -14.45 -1.98
C LEU B 491 1.69 -13.94 -2.96
N PHE B 492 2.85 -13.58 -2.42
CA PHE B 492 4.02 -13.43 -3.24
C PHE B 492 5.21 -13.77 -2.41
N ALA B 493 6.08 -14.60 -2.98
CA ALA B 493 7.29 -15.01 -2.31
C ALA B 493 8.44 -14.83 -3.27
N GLY B 494 9.57 -14.31 -2.78
CA GLY B 494 10.72 -14.15 -3.64
C GLY B 494 12.00 -13.73 -2.96
N PHE B 495 13.01 -13.43 -3.78
CA PHE B 495 14.33 -13.03 -3.30
C PHE B 495 15.00 -12.09 -4.30
N ALA B 496 16.09 -11.47 -3.85
CA ALA B 496 16.87 -10.53 -4.67
C ALA B 496 18.14 -10.16 -3.92
N PRO B 497 19.14 -9.60 -4.63
CA PRO B 497 19.21 -9.45 -6.10
C PRO B 497 19.41 -10.81 -6.76
N ALA B 498 18.87 -10.98 -7.97
CA ALA B 498 18.90 -12.28 -8.65
C ALA B 498 20.32 -12.78 -8.86
N THR B 499 21.20 -11.85 -9.20
CA THR B 499 22.58 -12.20 -9.53
C THR B 499 23.45 -12.55 -8.31
N ASP B 500 23.00 -12.17 -7.11
CA ASP B 500 23.58 -12.65 -5.86
C ASP B 500 22.57 -12.45 -4.72
N PRO B 501 21.64 -13.40 -4.56
CA PRO B 501 20.52 -13.22 -3.63
C PRO B 501 20.94 -12.94 -2.19
N ARG B 502 20.38 -11.90 -1.60
CA ARG B 502 20.73 -11.48 -0.25
C ARG B 502 19.58 -11.71 0.72
N ILE B 503 18.37 -11.34 0.30
CA ILE B 503 17.20 -11.48 1.14
C ILE B 503 16.02 -12.15 0.43
N ALA B 504 15.27 -12.91 1.20
CA ALA B 504 14.03 -13.50 0.73
C ALA B 504 12.89 -12.80 1.45
N MET B 505 11.74 -12.75 0.80
CA MET B 505 10.61 -12.06 1.37
C MET B 505 9.31 -12.77 0.98
N VAL B 506 8.40 -12.87 1.95
CA VAL B 506 7.09 -13.47 1.73
C VAL B 506 6.03 -12.44 2.10
N VAL B 507 5.03 -12.28 1.24
CA VAL B 507 4.00 -11.31 1.52
C VAL B 507 2.66 -12.03 1.46
N VAL B 508 1.94 -12.07 2.58
CA VAL B 508 0.65 -12.71 2.62
C VAL B 508 -0.42 -11.70 3.01
N ILE B 509 -1.50 -11.65 2.23
CA ILE B 509 -2.56 -10.69 2.49
C ILE B 509 -3.91 -11.40 2.40
N ASP B 510 -4.64 -11.42 3.52
CA ASP B 510 -5.89 -12.17 3.65
C ASP B 510 -7.11 -11.34 3.32
N GLU B 511 -7.92 -11.88 2.41
CA GLU B 511 -9.21 -11.29 2.05
C GLU B 511 -9.13 -9.87 1.51
N PRO B 512 -8.31 -9.65 0.46
CA PRO B 512 -8.36 -8.32 -0.15
C PRO B 512 -9.74 -8.15 -0.77
N SER B 513 -10.28 -6.93 -0.74
CA SER B 513 -11.63 -6.71 -1.26
C SER B 513 -11.83 -5.46 -2.13
N LYS B 514 -10.79 -4.65 -2.31
CA LYS B 514 -11.05 -3.34 -2.93
C LYS B 514 -10.42 -3.11 -4.31
N ALA B 515 -9.37 -3.86 -4.63
CA ALA B 515 -8.69 -3.73 -5.91
C ALA B 515 -8.13 -5.07 -6.43
N GLY B 516 -8.98 -6.09 -6.49
CA GLY B 516 -8.56 -7.39 -6.99
C GLY B 516 -8.01 -8.27 -5.89
N TYR B 517 -7.62 -9.49 -6.25
CA TYR B 517 -7.27 -10.49 -5.24
C TYR B 517 -6.14 -11.40 -5.66
N PHE B 518 -5.77 -11.41 -6.94
CA PHE B 518 -4.64 -12.24 -7.38
C PHE B 518 -3.31 -11.79 -6.76
N GLY B 519 -2.50 -12.75 -6.31
CA GLY B 519 -1.21 -12.44 -5.69
C GLY B 519 -0.40 -11.40 -6.46
N GLY B 520 -0.25 -11.60 -7.76
CA GLY B 520 0.56 -10.71 -8.61
C GLY B 520 0.00 -9.31 -8.82
N LEU B 521 -1.24 -9.11 -8.38
CA LEU B 521 -1.92 -7.80 -8.41
C LEU B 521 -1.85 -7.14 -7.04
N VAL B 522 -1.93 -7.94 -5.98
CA VAL B 522 -2.12 -7.45 -4.62
C VAL B 522 -0.82 -7.54 -3.83
N SER B 523 -0.18 -8.70 -3.85
CA SER B 523 1.02 -8.92 -3.05
C SER B 523 2.31 -8.47 -3.75
N ALA B 524 2.45 -8.82 -5.02
CA ALA B 524 3.62 -8.40 -5.81
C ALA B 524 4.03 -6.92 -5.65
N PRO B 525 3.06 -5.97 -5.77
CA PRO B 525 3.49 -4.56 -5.64
C PRO B 525 4.10 -4.24 -4.27
N VAL B 526 3.70 -4.99 -3.25
CA VAL B 526 4.25 -4.88 -1.91
C VAL B 526 5.69 -5.40 -1.87
N PHE B 527 5.92 -6.57 -2.44
CA PHE B 527 7.26 -7.14 -2.58
C PHE B 527 8.19 -6.16 -3.28
N SER B 528 7.68 -5.56 -4.36
CA SER B 528 8.43 -4.58 -5.10
C SER B 528 8.94 -3.45 -4.20
N LYS B 529 8.02 -2.79 -3.52
CA LYS B 529 8.38 -1.61 -2.73
C LYS B 529 9.29 -1.93 -1.56
N VAL B 530 8.97 -2.99 -0.83
CA VAL B 530 9.72 -3.34 0.37
C VAL B 530 11.08 -3.88 0.02
N MET B 531 11.17 -4.66 -1.06
CA MET B 531 12.45 -5.21 -1.51
C MET B 531 13.42 -4.07 -1.90
N ALA B 532 12.89 -3.08 -2.62
CA ALA B 532 13.65 -1.92 -3.05
C ALA B 532 14.26 -1.17 -1.87
N GLY B 533 13.42 -0.87 -0.88
CA GLY B 533 13.83 -0.12 0.31
C GLY B 533 14.78 -0.93 1.16
N ALA B 534 14.49 -2.22 1.29
CA ALA B 534 15.29 -3.13 2.09
C ALA B 534 16.71 -3.22 1.56
N LEU B 535 16.85 -3.52 0.27
CA LEU B 535 18.14 -3.63 -0.37
C LEU B 535 18.94 -2.32 -0.37
N ARG B 536 18.24 -1.19 -0.48
CA ARG B 536 18.88 0.11 -0.36
C ARG B 536 19.36 0.37 1.06
N LEU B 537 18.54 0.04 2.04
CA LEU B 537 18.90 0.18 3.45
C LEU B 537 20.10 -0.69 3.85
N MET B 538 20.22 -1.85 3.23
CA MET B 538 21.34 -2.74 3.52
C MET B 538 22.54 -2.46 2.63
N ASN B 539 22.42 -1.45 1.77
CA ASN B 539 23.49 -1.02 0.87
C ASN B 539 23.90 -2.09 -0.13
N VAL B 540 22.93 -2.84 -0.64
CA VAL B 540 23.20 -3.79 -1.71
C VAL B 540 23.33 -3.02 -3.04
N PRO B 541 24.43 -3.26 -3.79
CA PRO B 541 24.59 -2.56 -5.06
C PRO B 541 23.53 -3.00 -6.06
N PRO B 542 22.99 -2.06 -6.86
CA PRO B 542 22.06 -2.38 -7.95
C PRO B 542 22.68 -3.34 -8.96
N ASP B 543 21.93 -4.37 -9.35
CA ASP B 543 22.40 -5.26 -10.43
C ASP B 543 21.61 -5.07 -11.72
N ASN B 544 20.75 -4.05 -11.75
CA ASN B 544 19.94 -3.74 -12.93
C ASN B 544 19.83 -2.22 -13.09
N LEU B 545 20.95 -1.60 -13.43
CA LEU B 545 21.03 -0.14 -13.54
C LEU B 545 20.06 0.49 -14.55
N PRO B 546 19.71 -0.22 -15.64
CA PRO B 546 18.63 0.21 -16.54
C PRO B 546 17.36 0.73 -15.84
N THR B 547 16.99 0.09 -14.73
CA THR B 547 15.76 0.46 -14.01
C THR B 547 16.00 1.19 -12.68
N ALA B 548 17.28 1.41 -12.35
CA ALA B 548 17.69 2.05 -11.10
C ALA B 548 17.12 3.46 -10.94
N THR B 549 16.96 3.90 -9.69
CA THR B 549 16.53 5.27 -9.38
C THR B 549 17.67 6.26 -9.61
N GLU B 550 17.33 7.54 -9.71
CA GLU B 550 18.31 8.57 -10.03
C GLU B 550 19.46 8.64 -9.03
N GLN B 551 19.13 8.54 -7.73
CA GLN B 551 20.13 8.55 -6.66
C GLN B 551 21.05 7.33 -6.72
N GLN B 552 20.49 6.18 -7.08
CA GLN B 552 21.25 4.93 -7.19
C GLN B 552 22.30 4.97 -8.30
N GLN B 553 22.03 5.76 -9.35
CA GLN B 553 22.96 5.91 -10.47
C GLN B 553 24.12 6.88 -10.19
N VAL B 554 24.18 7.38 -8.95
CA VAL B 554 25.35 8.11 -8.45
C VAL B 554 25.96 7.39 -7.25
N ASN B 555 25.11 6.79 -6.42
CA ASN B 555 25.53 6.02 -5.24
C ASN B 555 26.34 4.77 -5.60
S VPP C . 6.08 28.17 6.50
O01 VPP C . 3.43 26.25 7.78
O02 VPP C . 4.26 26.71 2.66
O03 VPP C . 5.73 27.99 1.71
O06 VPP C . 6.40 24.15 9.58
O04 VPP C . 7.71 19.60 8.63
O05 VPP C . 6.55 21.38 12.06
O VPP C . 6.56 20.07 14.39
N02 VPP C . 5.82 26.22 4.85
N03 VPP C . 6.23 24.32 7.24
N04 VPP C . 7.11 21.60 9.61
N01 VPP C . 7.22 19.48 10.90
N VPP C . 6.58 18.03 13.30
C17 VPP C . 6.31 26.43 6.18
C19 VPP C . 5.96 28.69 4.82
C18 VPP C . 6.12 27.41 4.01
C20 VPP C . 5.64 25.61 7.25
C01 VPP C . 4.16 25.49 7.07
C02 VPP C . 4.65 29.35 4.59
C03 VPP C . 7.12 29.66 4.51
C04 VPP C . 5.33 27.36 2.73
C21 VPP C . 6.58 23.66 8.47
CA VPP C . 7.23 22.32 8.35
C05 VPP C . 8.65 22.53 7.90
C06 VPP C . 7.37 20.19 9.65
C07 VPP C . 8.98 22.25 6.55
C08 VPP C . 9.63 22.98 8.80
C09 VPP C . 7.51 18.03 10.95
C10 VPP C . 6.64 17.29 12.02
C11 VPP C . 6.80 20.18 12.09
C12 VPP C . 10.29 22.46 6.10
C13 VPP C . 10.96 23.16 8.34
C14 VPP C . 6.65 19.45 13.33
C15 VPP C . 6.42 17.24 14.53
C16 VPP C . 11.28 22.90 7.00
C VPP C . 4.95 16.89 14.68
O07 VPP C . 3.63 24.67 6.26
CL CL D . -13.00 40.93 14.92
C1 GOL E . 0.39 12.05 -2.67
O1 GOL E . -0.56 13.08 -2.99
C2 GOL E . 1.81 12.62 -2.58
O2 GOL E . 2.74 11.57 -2.42
C3 GOL E . 2.19 13.35 -3.88
O3 GOL E . 2.01 12.50 -5.02
C1 GOL F . 4.27 1.93 -19.37
O1 GOL F . 3.18 2.45 -20.15
C2 GOL F . 5.56 2.50 -19.94
O2 GOL F . 5.32 3.87 -20.30
C3 GOL F . 6.64 2.40 -18.87
O3 GOL F . 7.91 2.68 -19.45
N1 IMD G . 5.54 18.70 18.24
C2 IMD G . 6.76 19.28 18.35
N3 IMD G . 7.71 18.30 18.36
C4 IMD G . 7.09 17.11 18.27
C5 IMD G . 5.73 17.35 18.19
S VPP H . -2.94 -17.67 -11.43
O01 VPP H . -1.84 -19.31 -7.76
O02 VPP H . -0.82 -15.12 -8.21
O03 VPP H . -1.57 -13.51 -9.48
O06 VPP H . -5.13 -21.54 -8.89
O04 VPP H . -7.66 -21.58 -4.76
O05 VPP H . -7.06 -24.53 -7.47
O VPP H . -8.14 -26.92 -7.09
N02 VPP H . -2.87 -16.85 -8.99
N03 VPP H . -4.65 -19.34 -8.30
N04 VPP H . -6.80 -22.04 -6.86
N01 VPP H . -7.86 -23.79 -5.41
N VPP H . -8.33 -26.54 -4.82
C17 VPP H . -3.64 -17.76 -9.80
C19 VPP H . -2.06 -16.15 -11.22
C18 VPP H . -2.53 -15.68 -9.83
C20 VPP H . -3.66 -19.19 -9.33
C01 VPP H . -2.35 -19.72 -8.84
C02 VPP H . -0.60 -16.43 -11.25
C03 VPP H . -2.47 -15.14 -12.31
C04 VPP H . -1.60 -14.73 -9.12
C21 VPP H . -5.36 -20.59 -8.16
CA VPP H . -6.40 -20.66 -7.07
C05 VPP H . -7.55 -19.78 -7.47
C06 VPP H . -7.46 -22.42 -5.62
C07 VPP H . -7.61 -18.45 -6.98
C08 VPP H . -8.56 -20.27 -8.30
C09 VPP H . -8.55 -24.14 -4.14
C10 VPP H . -8.18 -25.59 -3.69
C11 VPP H . -7.63 -24.79 -6.40
C12 VPP H . -8.68 -17.60 -7.35
C13 VPP H . -9.63 -19.43 -8.65
C14 VPP H . -8.04 -26.15 -6.16
C15 VPP H . -8.75 -27.91 -4.50
C16 VPP H . -9.69 -18.10 -8.18
C VPP H . -7.53 -28.68 -4.00
O07 VPP H . -1.77 -20.61 -9.54
CL CL I . -7.94 -20.57 4.75
CL CL J . -16.91 -16.58 0.22
C1 GOL K . -0.74 -15.82 7.79
O1 GOL K . 0.48 -15.65 7.06
C2 GOL K . -1.94 -15.26 7.02
O2 GOL K . -3.14 -15.55 7.74
C3 GOL K . -1.83 -13.74 6.86
O3 GOL K . -1.69 -13.11 8.13
C1 GOL L . -12.57 -10.38 -3.26
O1 GOL L . -11.59 -9.40 -3.65
C2 GOL L . -13.80 -10.21 -4.13
O2 GOL L . -14.68 -11.33 -3.98
C3 GOL L . -14.52 -8.94 -3.69
O3 GOL L . -15.22 -8.43 -4.84
C1 GOL M . -4.41 -2.03 14.11
O1 GOL M . -3.83 -2.88 13.11
C2 GOL M . -3.74 -0.67 14.02
O2 GOL M . -4.68 0.39 14.28
C3 GOL M . -2.52 -0.60 14.96
O3 GOL M . -2.84 -0.16 16.29
#